data_5VYF
#
_entry.id   5VYF
#
_cell.length_a   74.985
_cell.length_b   131.480
_cell.length_c   148.357
_cell.angle_alpha   90.00
_cell.angle_beta   90.00
_cell.angle_gamma   90.00
#
_symmetry.space_group_name_H-M   'P 21 21 21'
#
loop_
_entity.id
_entity.type
_entity.pdbx_description
1 polymer 'Antibody light chain'
2 polymer 'Antibody Fab heavy chain'
3 polymer 'Chimera of Major allergen I polypeptide chain 2,Major allergen I polypeptide chain 1'
4 non-polymer 'CALCIUM ION'
5 water water
#
loop_
_entity_poly.entity_id
_entity_poly.type
_entity_poly.pdbx_seq_one_letter_code
_entity_poly.pdbx_strand_id
1 'polypeptide(L)'
;DIQMTQSPSTLSASVGDRVTITCRASQSISSWLAWYQQKPGKAPKLLIYKASSLESGVPSRFSGSGSGTDFTLTISSLRP
EDFATYYCQQYNSYPLTFGGGTKVEIKRTVAAPSVFIFPPSDEQLKSGTASVVCLLNNFYPREAKVQWKVDNALQSGNSQ
ESVTEQDSKDSTYSLSSTLTLSKADYEKHKVYACEVTHQGLSSPVTKSFNRGEC
;
L,A
2 'polypeptide(L)'
;EVQLVESGGGLVQPGGSLRLSCAASGFTFSSYAMSWVRQAPGKGLEWVSAISGRGYNADYADSVKGRFTISRDNSKNTLY
LQMNSLRAEDTAVYYCAKLEYFDYWGQGTLVTVSSASTKGPSVFPLAPCSRSTSESTAALGCLVKDYFPEPVTVSWNSGA
LTSGVHTFPAVLQSSGLYSLSSVVTVPSSSLGTKTYTCNVDHKPSNTKVDKRVESKYGPP
;
H,B
3 'polypeptide(L)'
;VKMAETCPIFYDVFFAVANGNELLLDLSLTKVAATEPERTAMKKIQDCYVENGLISRVLDGLVMTTISSSKDCMGEAVQN
TVEDLKLNTLGREICPAVKRDVDLFLTGTPDEYVEQVAQYKALPVVLENARILKNCVDAKMTEEDKENALSLLDKIYTSP
LCGPGGEQKLISEEDLGGEQKLISEEDLSGHHHHHHSSG
;
F,C
#
# COMPACT_ATOMS: atom_id res chain seq x y z
N ASP A 1 20.13 -7.34 7.06
CA ASP A 1 18.68 -7.68 7.14
C ASP A 1 17.93 -7.05 5.95
N ILE A 2 17.38 -7.89 5.05
CA ILE A 2 16.62 -7.40 3.91
C ILE A 2 15.13 -7.26 4.29
N GLN A 3 14.61 -6.03 4.22
CA GLN A 3 13.19 -5.76 4.48
C GLN A 3 12.41 -5.98 3.19
N MET A 4 11.29 -6.69 3.29
CA MET A 4 10.37 -6.91 2.16
C MET A 4 9.08 -6.12 2.36
N THR A 5 8.82 -5.15 1.49
CA THR A 5 7.60 -4.33 1.59
C THR A 5 6.55 -4.81 0.60
N GLN A 6 5.46 -5.37 1.12
CA GLN A 6 4.40 -5.95 0.30
C GLN A 6 3.23 -4.98 0.19
N SER A 7 2.69 -4.80 -1.01
CA SER A 7 1.61 -3.82 -1.22
C SER A 7 0.56 -4.31 -2.22
N PRO A 8 -0.73 -4.01 -2.00
CA PRO A 8 -1.26 -3.45 -0.76
C PRO A 8 -1.38 -4.56 0.29
N SER A 9 -1.68 -4.21 1.54
CA SER A 9 -1.92 -5.23 2.57
C SER A 9 -3.32 -5.83 2.45
N THR A 10 -4.20 -5.12 1.75
CA THR A 10 -5.59 -5.53 1.55
C THR A 10 -6.05 -5.15 0.15
N LEU A 11 -6.80 -6.04 -0.48
CA LEU A 11 -7.59 -5.69 -1.66
C LEU A 11 -8.79 -6.60 -1.76
N SER A 12 -9.90 -6.08 -2.24
CA SER A 12 -11.07 -6.89 -2.50
C SER A 12 -11.33 -6.93 -4.02
N ALA A 13 -11.66 -8.12 -4.51
CA ALA A 13 -11.86 -8.36 -5.94
C ALA A 13 -13.07 -9.24 -6.15
N SER A 14 -13.42 -9.48 -7.41
CA SER A 14 -14.49 -10.38 -7.81
C SER A 14 -13.93 -11.55 -8.59
N VAL A 15 -14.75 -12.58 -8.78
CA VAL A 15 -14.40 -13.72 -9.62
C VAL A 15 -14.29 -13.24 -11.08
N GLY A 16 -13.18 -13.58 -11.73
CA GLY A 16 -12.89 -13.14 -13.09
C GLY A 16 -11.88 -12.01 -13.16
N ASP A 17 -11.79 -11.20 -12.10
CA ASP A 17 -10.92 -10.03 -12.07
C ASP A 17 -9.45 -10.41 -12.05
N ARG A 18 -8.62 -9.48 -12.51
CA ARG A 18 -7.16 -9.59 -12.42
C ARG A 18 -6.70 -9.02 -11.08
N VAL A 19 -5.69 -9.63 -10.47
CA VAL A 19 -5.17 -9.20 -9.17
C VAL A 19 -3.65 -9.16 -9.22
N THR A 20 -3.08 -8.00 -8.89
CA THR A 20 -1.64 -7.79 -8.93
C THR A 20 -1.15 -7.36 -7.55
N ILE A 21 -0.27 -8.19 -6.98
CA ILE A 21 0.37 -7.93 -5.69
C ILE A 21 1.84 -7.62 -5.91
N THR A 22 2.23 -6.39 -5.58
CA THR A 22 3.62 -5.96 -5.66
C THR A 22 4.37 -6.27 -4.35
N CYS A 23 5.67 -6.53 -4.47
CA CYS A 23 6.54 -6.78 -3.32
C CYS A 23 7.92 -6.24 -3.66
N ARG A 24 8.51 -5.48 -2.73
CA ARG A 24 9.77 -4.77 -2.98
C ARG A 24 10.81 -4.97 -1.87
N ALA A 25 12.04 -5.24 -2.27
CA ALA A 25 13.18 -5.49 -1.37
C ALA A 25 14.06 -4.25 -1.19
N SER A 26 14.49 -4.03 0.06
CA SER A 26 15.33 -2.88 0.41
C SER A 26 16.72 -2.91 -0.23
N GLN A 27 17.16 -4.09 -0.64
CA GLN A 27 18.33 -4.22 -1.51
C GLN A 27 18.12 -5.37 -2.48
N SER A 28 18.97 -5.44 -3.51
CA SER A 28 18.82 -6.42 -4.59
C SER A 28 18.79 -7.86 -4.06
N ILE A 29 17.92 -8.69 -4.64
CA ILE A 29 17.87 -10.12 -4.31
C ILE A 29 17.86 -10.96 -5.58
N SER A 30 18.44 -10.43 -6.66
CA SER A 30 18.41 -11.05 -7.99
C SER A 30 17.01 -11.60 -8.30
N SER A 31 16.88 -12.91 -8.56
CA SER A 31 15.60 -13.54 -8.81
C SER A 31 15.19 -14.45 -7.66
N TRP A 32 15.80 -14.27 -6.49
CA TRP A 32 15.64 -15.21 -5.38
C TRP A 32 14.48 -14.79 -4.48
N LEU A 33 13.27 -14.89 -5.05
CA LEU A 33 12.04 -14.55 -4.35
C LEU A 33 11.02 -15.65 -4.58
N ALA A 34 10.25 -15.96 -3.54
CA ALA A 34 9.19 -16.97 -3.61
C ALA A 34 7.87 -16.37 -3.17
N TRP A 35 6.78 -16.98 -3.64
CA TRP A 35 5.40 -16.56 -3.33
C TRP A 35 4.59 -17.70 -2.71
N TYR A 36 3.78 -17.37 -1.71
CA TYR A 36 2.94 -18.35 -1.00
C TYR A 36 1.49 -17.92 -0.93
N GLN A 37 0.61 -18.92 -0.80
CA GLN A 37 -0.80 -18.74 -0.54
C GLN A 37 -1.10 -19.40 0.78
N GLN A 38 -1.88 -18.73 1.62
CA GLN A 38 -2.31 -19.29 2.90
C GLN A 38 -3.80 -19.06 3.11
N LYS A 39 -4.52 -20.15 3.40
CA LYS A 39 -5.94 -20.12 3.74
C LYS A 39 -6.07 -20.23 5.26
N PRO A 40 -7.22 -19.79 5.82
CA PRO A 40 -7.44 -19.88 7.29
C PRO A 40 -7.20 -21.29 7.88
N GLY A 41 -6.40 -21.36 8.94
CA GLY A 41 -6.14 -22.61 9.66
C GLY A 41 -5.24 -23.64 8.99
N LYS A 42 -4.49 -23.22 7.96
CA LYS A 42 -3.66 -24.11 7.16
C LYS A 42 -2.26 -23.55 6.95
N ALA A 43 -1.33 -24.45 6.67
CA ALA A 43 0.05 -24.07 6.36
C ALA A 43 0.07 -23.38 5.00
N PRO A 44 1.06 -22.51 4.76
CA PRO A 44 1.21 -21.93 3.43
C PRO A 44 1.54 -22.97 2.35
N LYS A 45 1.21 -22.65 1.12
CA LYS A 45 1.54 -23.48 -0.02
C LYS A 45 2.38 -22.64 -0.96
N LEU A 46 3.46 -23.22 -1.50
CA LEU A 46 4.31 -22.51 -2.46
C LEU A 46 3.63 -22.41 -3.82
N LEU A 47 3.66 -21.21 -4.40
CA LEU A 47 3.13 -20.94 -5.74
C LEU A 47 4.25 -20.74 -6.75
N ILE A 48 5.14 -19.79 -6.44
CA ILE A 48 6.23 -19.38 -7.32
C ILE A 48 7.55 -19.46 -6.53
N TYR A 49 8.61 -19.93 -7.18
CA TYR A 49 9.97 -19.80 -6.67
C TYR A 49 10.80 -19.17 -7.78
N LYS A 50 11.95 -18.61 -7.41
CA LYS A 50 12.86 -17.99 -8.37
C LYS A 50 12.18 -16.88 -9.19
N ALA A 51 11.34 -16.09 -8.51
CA ALA A 51 10.64 -14.92 -9.10
C ALA A 51 9.48 -15.25 -10.05
N SER A 52 9.71 -16.13 -11.02
CA SER A 52 8.70 -16.46 -12.03
C SER A 52 8.44 -17.95 -12.29
N SER A 53 9.15 -18.86 -11.62
CA SER A 53 8.98 -20.31 -11.87
C SER A 53 7.81 -20.88 -11.08
N LEU A 54 6.89 -21.52 -11.78
CA LEU A 54 5.65 -22.02 -11.19
C LEU A 54 5.91 -23.39 -10.55
N GLU A 55 5.54 -23.55 -9.28
CA GLU A 55 5.65 -24.87 -8.60
C GLU A 55 4.66 -25.84 -9.25
N SER A 56 5.04 -27.12 -9.33
CA SER A 56 4.21 -28.14 -10.04
C SER A 56 2.88 -28.37 -9.32
N GLY A 57 1.80 -28.39 -10.10
CA GLY A 57 0.44 -28.47 -9.57
C GLY A 57 -0.28 -27.13 -9.48
N VAL A 58 0.47 -26.03 -9.46
CA VAL A 58 -0.11 -24.68 -9.31
C VAL A 58 -0.70 -24.28 -10.66
N PRO A 59 -1.93 -23.74 -10.68
CA PRO A 59 -2.52 -23.36 -11.97
C PRO A 59 -1.82 -22.16 -12.61
N SER A 60 -1.85 -22.11 -13.94
CA SER A 60 -1.06 -21.13 -14.71
C SER A 60 -1.61 -19.69 -14.73
N ARG A 61 -2.81 -19.48 -14.19
CA ARG A 61 -3.30 -18.12 -13.94
C ARG A 61 -2.39 -17.33 -12.97
N PHE A 62 -1.72 -18.05 -12.06
CA PHE A 62 -0.65 -17.47 -11.24
C PHE A 62 0.62 -17.30 -12.08
N SER A 63 1.18 -16.09 -12.04
CA SER A 63 2.49 -15.81 -12.62
C SER A 63 3.22 -14.78 -11.78
N GLY A 64 4.55 -14.83 -11.87
CA GLY A 64 5.42 -13.89 -11.17
C GLY A 64 6.33 -13.19 -12.16
N SER A 65 6.78 -11.99 -11.79
CA SER A 65 7.77 -11.27 -12.60
C SER A 65 8.53 -10.27 -11.74
N GLY A 66 9.78 -10.01 -12.11
CA GLY A 66 10.62 -9.08 -11.40
C GLY A 66 12.06 -9.54 -11.25
N SER A 67 12.93 -8.57 -11.01
CA SER A 67 14.34 -8.81 -10.74
C SER A 67 14.88 -7.65 -9.91
N GLY A 68 15.93 -7.92 -9.14
CA GLY A 68 16.55 -6.91 -8.30
C GLY A 68 15.73 -6.56 -7.07
N THR A 69 15.00 -5.45 -7.14
CA THR A 69 14.33 -4.88 -5.97
C THR A 69 12.81 -4.82 -6.07
N ASP A 70 12.24 -5.29 -7.17
CA ASP A 70 10.81 -5.06 -7.48
C ASP A 70 10.21 -6.31 -8.13
N PHE A 71 9.15 -6.83 -7.50
CA PHE A 71 8.55 -8.12 -7.87
C PHE A 71 7.03 -8.07 -7.82
N THR A 72 6.40 -8.85 -8.69
CA THR A 72 4.96 -8.81 -8.94
C THR A 72 4.39 -10.24 -8.99
N LEU A 73 3.25 -10.46 -8.32
CA LEU A 73 2.47 -11.71 -8.43
C LEU A 73 1.13 -11.36 -9.03
N THR A 74 0.87 -11.84 -10.24
CA THR A 74 -0.39 -11.59 -10.91
C THR A 74 -1.23 -12.85 -11.01
N ILE A 75 -2.50 -12.72 -10.66
CA ILE A 75 -3.54 -13.72 -10.91
C ILE A 75 -4.36 -13.21 -12.09
N SER A 76 -4.44 -13.99 -13.18
CA SER A 76 -5.14 -13.55 -14.41
C SER A 76 -6.65 -13.45 -14.24
N SER A 77 -7.26 -14.57 -13.87
CA SER A 77 -8.71 -14.73 -13.78
C SER A 77 -9.03 -15.40 -12.44
N LEU A 78 -9.37 -14.57 -11.46
CA LEU A 78 -9.52 -15.01 -10.06
C LEU A 78 -10.66 -16.00 -9.90
N ARG A 79 -10.39 -17.14 -9.27
CA ARG A 79 -11.40 -18.18 -8.96
C ARG A 79 -11.77 -18.09 -7.47
N PRO A 80 -12.86 -18.77 -7.04
CA PRO A 80 -13.27 -18.73 -5.62
C PRO A 80 -12.22 -19.26 -4.63
N GLU A 81 -11.54 -20.33 -5.03
CA GLU A 81 -10.40 -20.88 -4.25
C GLU A 81 -9.25 -19.87 -3.97
N ASP A 82 -9.07 -18.88 -4.84
CA ASP A 82 -7.94 -17.93 -4.74
C ASP A 82 -8.09 -16.81 -3.69
N PHE A 83 -9.26 -16.69 -3.07
CA PHE A 83 -9.43 -15.76 -1.97
C PHE A 83 -8.68 -16.28 -0.75
N ALA A 84 -7.63 -15.56 -0.37
CA ALA A 84 -6.65 -16.05 0.61
C ALA A 84 -5.73 -14.91 0.99
N THR A 85 -4.77 -15.19 1.87
CA THR A 85 -3.67 -14.28 2.13
C THR A 85 -2.45 -14.76 1.36
N TYR A 86 -1.67 -13.82 0.81
CA TYR A 86 -0.50 -14.12 -0.01
C TYR A 86 0.76 -13.47 0.56
N TYR A 87 1.90 -14.17 0.49
CA TYR A 87 3.18 -13.72 1.08
C TYR A 87 4.35 -13.86 0.11
N CYS A 88 5.21 -12.84 0.04
CA CYS A 88 6.51 -12.98 -0.62
C CYS A 88 7.58 -13.29 0.42
N GLN A 89 8.67 -13.89 -0.06
CA GLN A 89 9.80 -14.27 0.80
C GLN A 89 11.08 -14.33 -0.01
N GLN A 90 12.08 -13.57 0.43
CA GLN A 90 13.39 -13.59 -0.22
C GLN A 90 14.24 -14.71 0.37
N TYR A 91 15.00 -15.39 -0.49
CA TYR A 91 16.01 -16.34 -0.04
C TYR A 91 17.36 -16.03 -0.68
N ASN A 92 17.60 -14.74 -0.94
CA ASN A 92 18.90 -14.28 -1.40
C ASN A 92 19.97 -14.48 -0.32
N SER A 93 19.64 -14.17 0.91
CA SER A 93 20.58 -14.33 2.01
C SER A 93 19.84 -14.47 3.33
N TYR A 94 20.58 -14.93 4.34
CA TYR A 94 20.06 -15.02 5.69
C TYR A 94 20.21 -13.66 6.39
N PRO A 95 19.34 -13.32 7.34
CA PRO A 95 18.13 -14.09 7.66
C PRO A 95 17.10 -14.04 6.54
N LEU A 96 16.31 -15.10 6.44
CA LEU A 96 15.24 -15.21 5.45
C LEU A 96 14.09 -14.33 5.96
N THR A 97 13.51 -13.55 5.07
CA THR A 97 12.53 -12.53 5.46
C THR A 97 11.32 -12.56 4.57
N PHE A 98 10.16 -12.33 5.18
CA PHE A 98 8.87 -12.36 4.51
C PHE A 98 8.30 -10.97 4.31
N GLY A 99 7.40 -10.84 3.35
CA GLY A 99 6.57 -9.65 3.23
C GLY A 99 5.48 -9.69 4.29
N GLY A 100 4.85 -8.54 4.53
CA GLY A 100 3.78 -8.42 5.53
C GLY A 100 2.50 -9.19 5.26
N GLY A 101 2.25 -9.53 4.01
CA GLY A 101 1.07 -10.30 3.60
C GLY A 101 0.12 -9.40 2.83
N THR A 102 -0.65 -10.01 1.93
CA THR A 102 -1.75 -9.34 1.24
C THR A 102 -2.99 -10.21 1.32
N LYS A 103 -4.05 -9.66 1.90
CA LYS A 103 -5.32 -10.36 2.04
C LYS A 103 -6.14 -10.04 0.77
N VAL A 104 -6.55 -11.07 0.04
CA VAL A 104 -7.45 -10.93 -1.10
C VAL A 104 -8.85 -11.32 -0.63
N GLU A 105 -9.78 -10.36 -0.70
CA GLU A 105 -11.11 -10.50 -0.15
C GLU A 105 -12.20 -10.38 -1.21
N ILE A 106 -13.40 -10.87 -0.87
CA ILE A 106 -14.52 -10.93 -1.80
C ILE A 106 -15.21 -9.57 -1.86
N LYS A 107 -15.21 -8.95 -3.04
CA LYS A 107 -15.87 -7.66 -3.24
C LYS A 107 -17.39 -7.83 -3.28
N ARG A 108 -18.09 -6.93 -2.61
CA ARG A 108 -19.55 -6.90 -2.59
C ARG A 108 -20.02 -5.44 -2.49
N THR A 109 -21.33 -5.22 -2.56
CA THR A 109 -21.89 -3.87 -2.45
C THR A 109 -21.76 -3.34 -1.01
N VAL A 110 -21.73 -2.01 -0.88
CA VAL A 110 -21.62 -1.36 0.43
C VAL A 110 -22.83 -1.76 1.28
N ALA A 111 -22.59 -2.00 2.56
CA ALA A 111 -23.64 -2.40 3.50
C ALA A 111 -23.40 -1.71 4.84
N ALA A 112 -24.44 -1.05 5.37
CA ALA A 112 -24.37 -0.40 6.67
C ALA A 112 -24.53 -1.42 7.80
N PRO A 113 -23.84 -1.21 8.95
CA PRO A 113 -23.99 -2.10 10.08
C PRO A 113 -25.28 -1.84 10.85
N SER A 114 -25.89 -2.90 11.37
CA SER A 114 -26.94 -2.78 12.38
C SER A 114 -26.23 -2.65 13.72
N VAL A 115 -26.39 -1.50 14.38
CA VAL A 115 -25.71 -1.25 15.64
C VAL A 115 -26.60 -1.66 16.81
N PHE A 116 -26.02 -2.37 17.77
CA PHE A 116 -26.67 -2.72 19.02
C PHE A 116 -25.73 -2.40 20.15
N ILE A 117 -26.28 -2.27 21.35
CA ILE A 117 -25.48 -2.06 22.57
C ILE A 117 -26.07 -2.90 23.71
N PHE A 118 -25.17 -3.44 24.54
CA PHE A 118 -25.55 -4.38 25.58
C PHE A 118 -25.05 -3.87 26.92
N PRO A 119 -25.96 -3.58 27.87
CA PRO A 119 -25.49 -3.20 29.20
C PRO A 119 -24.83 -4.40 29.90
N PRO A 120 -23.90 -4.13 30.84
CA PRO A 120 -23.32 -5.24 31.59
C PRO A 120 -24.39 -5.92 32.47
N SER A 121 -24.36 -7.24 32.55
CA SER A 121 -25.38 -8.00 33.27
C SER A 121 -25.28 -7.80 34.78
N ASP A 122 -26.40 -8.03 35.47
CA ASP A 122 -26.45 -7.95 36.93
C ASP A 122 -25.55 -9.01 37.57
N GLU A 123 -25.32 -10.13 36.87
CA GLU A 123 -24.42 -11.18 37.34
C GLU A 123 -22.95 -10.73 37.34
N GLN A 124 -22.50 -10.13 36.25
CA GLN A 124 -21.13 -9.64 36.13
C GLN A 124 -20.84 -8.53 37.14
N LEU A 125 -21.78 -7.60 37.28
CA LEU A 125 -21.67 -6.49 38.25
C LEU A 125 -21.45 -6.98 39.68
N LYS A 126 -22.07 -8.11 40.04
CA LYS A 126 -21.91 -8.70 41.38
C LYS A 126 -20.50 -9.28 41.60
N SER A 127 -19.86 -9.78 40.55
CA SER A 127 -18.45 -10.22 40.62
C SER A 127 -17.47 -9.04 40.72
N GLY A 128 -17.90 -7.84 40.33
CA GLY A 128 -17.14 -6.61 40.56
C GLY A 128 -16.49 -5.95 39.35
N THR A 129 -16.91 -6.34 38.15
CA THR A 129 -16.39 -5.78 36.90
C THR A 129 -17.56 -5.48 35.98
N ALA A 130 -17.39 -4.52 35.08
CA ALA A 130 -18.44 -4.11 34.14
C ALA A 130 -17.91 -4.03 32.71
N SER A 131 -18.46 -4.86 31.83
CA SER A 131 -18.12 -4.86 30.42
C SER A 131 -19.35 -4.43 29.62
N VAL A 132 -19.26 -3.26 28.98
CA VAL A 132 -20.29 -2.78 28.06
C VAL A 132 -19.78 -3.16 26.67
N VAL A 133 -20.62 -3.83 25.86
CA VAL A 133 -20.20 -4.23 24.51
C VAL A 133 -21.13 -3.63 23.47
N CYS A 134 -20.54 -3.24 22.34
CA CYS A 134 -21.21 -2.57 21.24
C CYS A 134 -20.99 -3.43 20.00
N LEU A 135 -22.08 -3.94 19.42
CA LEU A 135 -22.05 -4.80 18.24
C LEU A 135 -22.27 -3.98 16.95
N LEU A 136 -21.49 -4.26 15.92
CA LEU A 136 -21.73 -3.78 14.55
C LEU A 136 -21.96 -5.01 13.69
N ASN A 137 -23.20 -5.27 13.30
CA ASN A 137 -23.56 -6.52 12.64
C ASN A 137 -23.69 -6.35 11.12
N ASN A 138 -23.00 -7.20 10.37
CA ASN A 138 -23.20 -7.36 8.91
C ASN A 138 -23.00 -6.09 8.07
N PHE A 139 -21.75 -5.76 7.81
CA PHE A 139 -21.41 -4.55 7.06
C PHE A 139 -20.25 -4.75 6.08
N TYR A 140 -20.04 -3.75 5.22
CA TYR A 140 -18.94 -3.77 4.24
C TYR A 140 -18.69 -2.34 3.72
N PRO A 141 -17.44 -1.89 3.60
CA PRO A 141 -16.20 -2.65 3.88
C PRO A 141 -15.86 -2.72 5.39
N ARG A 142 -14.67 -3.21 5.72
CA ARG A 142 -14.27 -3.34 7.13
C ARG A 142 -14.02 -2.00 7.83
N GLU A 143 -13.50 -1.02 7.10
CA GLU A 143 -13.16 0.30 7.66
C GLU A 143 -14.37 0.88 8.41
N ALA A 144 -14.24 1.01 9.72
CA ALA A 144 -15.33 1.51 10.59
C ALA A 144 -14.80 2.09 11.91
N LYS A 145 -15.33 3.25 12.29
CA LYS A 145 -14.94 3.99 13.51
C LYS A 145 -15.96 3.70 14.61
N VAL A 146 -15.48 3.48 15.84
CA VAL A 146 -16.34 3.17 17.00
C VAL A 146 -15.86 3.92 18.25
N GLN A 147 -16.51 5.04 18.55
CA GLN A 147 -16.18 5.89 19.70
C GLN A 147 -17.07 5.51 20.89
N TRP A 148 -16.49 5.51 22.10
CA TRP A 148 -17.24 5.35 23.34
C TRP A 148 -17.30 6.69 24.10
N LYS A 149 -18.48 6.99 24.67
CA LYS A 149 -18.69 8.18 25.50
C LYS A 149 -19.47 7.85 26.75
N VAL A 150 -18.96 8.28 27.91
CA VAL A 150 -19.64 8.12 29.21
C VAL A 150 -19.93 9.52 29.78
N ASP A 151 -21.21 9.91 29.76
CA ASP A 151 -21.63 11.29 30.06
C ASP A 151 -20.95 12.29 29.12
N ASN A 152 -20.90 11.94 27.83
CA ASN A 152 -20.20 12.72 26.80
C ASN A 152 -18.65 12.84 26.92
N ALA A 153 -18.03 12.07 27.82
CA ALA A 153 -16.57 12.04 27.95
C ALA A 153 -16.00 11.02 26.96
N LEU A 154 -15.37 11.51 25.90
CA LEU A 154 -14.80 10.67 24.83
C LEU A 154 -13.69 9.77 25.37
N GLN A 155 -13.91 8.45 25.26
CA GLN A 155 -13.04 7.45 25.89
C GLN A 155 -11.93 6.98 24.96
N SER A 156 -10.83 6.53 25.57
CA SER A 156 -9.73 5.86 24.86
C SER A 156 -8.83 5.09 25.83
N GLY A 157 -8.26 3.97 25.36
CA GLY A 157 -7.36 3.14 26.16
C GLY A 157 -8.00 2.16 27.15
N ASN A 158 -9.33 2.06 27.14
CA ASN A 158 -10.07 1.16 28.04
C ASN A 158 -11.12 0.34 27.29
N SER A 159 -10.83 0.02 26.04
CA SER A 159 -11.69 -0.79 25.19
C SER A 159 -10.87 -1.44 24.08
N GLN A 160 -11.19 -2.70 23.78
CA GLN A 160 -10.58 -3.44 22.68
C GLN A 160 -11.69 -3.87 21.75
N GLU A 161 -11.32 -4.19 20.52
CA GLU A 161 -12.29 -4.64 19.52
C GLU A 161 -11.82 -5.85 18.73
N SER A 162 -12.79 -6.67 18.32
CA SER A 162 -12.56 -7.86 17.52
C SER A 162 -13.44 -7.79 16.27
N VAL A 163 -12.93 -8.31 15.16
CA VAL A 163 -13.65 -8.33 13.88
C VAL A 163 -13.63 -9.74 13.33
N THR A 164 -14.77 -10.22 12.83
CA THR A 164 -14.82 -11.52 12.15
C THR A 164 -14.20 -11.39 10.77
N GLU A 165 -13.89 -12.52 10.16
CA GLU A 165 -13.58 -12.54 8.72
C GLU A 165 -14.89 -12.50 7.94
N GLN A 166 -14.79 -12.34 6.63
CA GLN A 166 -15.98 -12.26 5.79
C GLN A 166 -16.88 -13.47 6.00
N ASP A 167 -18.17 -13.23 6.22
CA ASP A 167 -19.13 -14.29 6.39
C ASP A 167 -19.25 -15.11 5.11
N SER A 168 -19.41 -16.42 5.25
CA SER A 168 -19.52 -17.31 4.09
C SER A 168 -20.82 -17.09 3.29
N LYS A 169 -21.88 -16.62 3.96
CA LYS A 169 -23.20 -16.42 3.32
C LYS A 169 -23.21 -15.19 2.41
N ASP A 170 -22.77 -14.05 2.95
CA ASP A 170 -22.98 -12.73 2.34
C ASP A 170 -21.75 -11.80 2.26
N SER A 171 -20.55 -12.33 2.52
CA SER A 171 -19.28 -11.57 2.43
C SER A 171 -19.20 -10.31 3.27
N THR A 172 -19.95 -10.27 4.38
CA THR A 172 -19.97 -9.12 5.27
C THR A 172 -19.10 -9.38 6.49
N TYR A 173 -18.71 -8.29 7.15
CA TYR A 173 -18.01 -8.35 8.43
C TYR A 173 -18.97 -8.07 9.57
N SER A 174 -18.53 -8.42 10.76
CA SER A 174 -19.16 -8.00 12.00
C SER A 174 -18.05 -7.63 12.97
N LEU A 175 -18.29 -6.61 13.77
CA LEU A 175 -17.30 -6.12 14.73
C LEU A 175 -17.93 -6.02 16.10
N SER A 176 -17.13 -6.21 17.15
CA SER A 176 -17.55 -5.91 18.52
C SER A 176 -16.52 -5.00 19.19
N SER A 177 -17.00 -4.03 19.96
CA SER A 177 -16.15 -3.15 20.76
C SER A 177 -16.59 -3.32 22.20
N THR A 178 -15.64 -3.53 23.11
CA THR A 178 -15.94 -3.91 24.48
C THR A 178 -15.27 -2.97 25.48
N LEU A 179 -16.06 -2.06 26.04
CA LEU A 179 -15.62 -1.13 27.08
C LEU A 179 -15.62 -1.84 28.43
N THR A 180 -14.45 -1.95 29.06
CA THR A 180 -14.32 -2.64 30.36
C THR A 180 -13.97 -1.64 31.47
N LEU A 181 -14.81 -1.60 32.50
CA LEU A 181 -14.62 -0.76 33.70
C LEU A 181 -14.75 -1.59 34.95
N SER A 182 -14.32 -1.01 36.08
CA SER A 182 -14.59 -1.58 37.40
C SER A 182 -16.04 -1.27 37.77
N LYS A 183 -16.57 -2.03 38.73
CA LYS A 183 -17.94 -1.80 39.22
C LYS A 183 -18.08 -0.41 39.84
N ALA A 184 -17.06 0.02 40.58
CA ALA A 184 -17.06 1.35 41.22
C ALA A 184 -17.10 2.50 40.21
N ASP A 185 -16.20 2.45 39.21
CA ASP A 185 -16.19 3.47 38.14
C ASP A 185 -17.45 3.44 37.27
N TYR A 186 -17.99 2.23 37.03
CA TYR A 186 -19.20 2.05 36.24
C TYR A 186 -20.38 2.81 36.86
N GLU A 187 -20.55 2.67 38.18
CA GLU A 187 -21.72 3.23 38.89
C GLU A 187 -21.59 4.72 39.27
N LYS A 188 -20.51 5.38 38.82
CA LYS A 188 -20.30 6.82 39.00
C LYS A 188 -20.68 7.65 37.75
N HIS A 189 -21.13 6.98 36.69
CA HIS A 189 -21.60 7.63 35.47
C HIS A 189 -22.95 7.03 35.08
N LYS A 190 -23.84 7.82 34.48
CA LYS A 190 -25.19 7.38 34.13
C LYS A 190 -25.30 6.88 32.68
N VAL A 191 -24.98 7.75 31.72
CA VAL A 191 -25.27 7.47 30.30
C VAL A 191 -24.03 6.90 29.57
N TYR A 192 -24.24 5.78 28.87
CA TYR A 192 -23.19 5.08 28.11
C TYR A 192 -23.65 4.97 26.66
N ALA A 193 -22.78 5.34 25.72
CA ALA A 193 -23.11 5.32 24.29
C ALA A 193 -21.93 4.88 23.43
N CYS A 194 -22.21 4.21 22.31
CA CYS A 194 -21.21 3.94 21.27
C CYS A 194 -21.62 4.59 19.94
N GLU A 195 -20.71 5.39 19.39
CA GLU A 195 -20.96 6.15 18.17
C GLU A 195 -20.23 5.50 17.01
N VAL A 196 -20.99 4.98 16.06
CA VAL A 196 -20.46 4.23 14.92
C VAL A 196 -20.51 5.06 13.63
N THR A 197 -19.34 5.41 13.10
CA THR A 197 -19.22 6.06 11.79
C THR A 197 -18.73 5.04 10.76
N HIS A 198 -19.30 5.08 9.56
CA HIS A 198 -19.05 4.05 8.53
C HIS A 198 -19.46 4.56 7.15
N GLN A 199 -18.78 4.09 6.12
CA GLN A 199 -19.03 4.51 4.73
C GLN A 199 -20.50 4.39 4.31
N GLY A 200 -21.12 3.27 4.66
CA GLY A 200 -22.53 2.99 4.35
C GLY A 200 -23.58 3.81 5.09
N LEU A 201 -23.18 4.63 6.06
CA LEU A 201 -24.08 5.53 6.80
C LEU A 201 -23.82 6.99 6.43
N SER A 202 -24.87 7.75 6.16
CA SER A 202 -24.74 9.17 5.82
C SER A 202 -24.41 10.05 7.03
N SER A 203 -24.98 9.72 8.18
CA SER A 203 -24.63 10.33 9.47
C SER A 203 -24.08 9.26 10.42
N PRO A 204 -23.34 9.67 11.47
CA PRO A 204 -22.88 8.68 12.45
C PRO A 204 -24.03 8.23 13.38
N VAL A 205 -24.24 6.92 13.49
CA VAL A 205 -25.27 6.34 14.35
C VAL A 205 -24.76 6.26 15.79
N THR A 206 -25.59 6.72 16.74
CA THR A 206 -25.34 6.57 18.16
C THR A 206 -26.34 5.56 18.73
N LYS A 207 -25.90 4.85 19.78
CA LYS A 207 -26.69 3.81 20.43
C LYS A 207 -26.31 3.82 21.90
N SER A 208 -27.28 4.03 22.80
CA SER A 208 -26.99 4.31 24.22
C SER A 208 -27.99 3.70 25.20
N PHE A 209 -27.71 3.89 26.49
CA PHE A 209 -28.64 3.55 27.58
C PHE A 209 -28.24 4.26 28.87
N ASN A 210 -29.18 4.34 29.82
CA ASN A 210 -28.88 4.78 31.21
C ASN A 210 -28.82 3.59 32.14
N ARG A 211 -27.82 3.59 33.03
CA ARG A 211 -27.72 2.56 34.07
C ARG A 211 -29.01 2.58 34.89
N GLY A 212 -29.71 1.44 34.94
CA GLY A 212 -31.09 1.36 35.42
C GLY A 212 -32.08 1.06 34.30
N GLU A 213 -31.70 1.34 33.06
CA GLU A 213 -32.47 1.00 31.85
C GLU A 213 -33.79 1.76 31.77
N GLU B 1 6.45 -39.73 -0.03
CA GLU B 1 5.55 -38.53 0.00
C GLU B 1 6.32 -37.26 0.32
N VAL B 2 7.16 -37.33 1.36
CA VAL B 2 7.76 -36.19 2.07
C VAL B 2 6.80 -35.69 3.15
N GLN B 3 6.97 -36.20 4.37
CA GLN B 3 6.16 -35.80 5.52
C GLN B 3 7.05 -35.15 6.58
N LEU B 4 6.55 -34.07 7.18
CA LEU B 4 7.20 -33.37 8.29
C LEU B 4 6.19 -33.27 9.43
N VAL B 5 6.54 -33.78 10.62
CA VAL B 5 5.61 -33.87 11.74
C VAL B 5 6.19 -33.22 13.00
N GLU B 6 5.66 -32.06 13.37
CA GLU B 6 6.10 -31.36 14.58
C GLU B 6 5.49 -31.95 15.84
N SER B 7 6.18 -31.74 16.97
CA SER B 7 5.64 -32.10 18.28
C SER B 7 6.39 -31.32 19.36
N GLY B 8 5.92 -31.42 20.59
CA GLY B 8 6.57 -30.80 21.74
C GLY B 8 6.03 -29.45 22.17
N GLY B 9 5.19 -28.83 21.34
CA GLY B 9 4.54 -27.56 21.70
C GLY B 9 3.52 -27.72 22.81
N GLY B 10 3.13 -26.59 23.40
CA GLY B 10 2.19 -26.59 24.52
C GLY B 10 2.23 -25.28 25.29
N LEU B 11 1.89 -25.32 26.56
CA LEU B 11 1.87 -24.13 27.40
C LEU B 11 3.18 -23.99 28.16
N VAL B 12 3.67 -22.74 28.25
CA VAL B 12 4.90 -22.41 28.99
C VAL B 12 4.71 -21.08 29.70
N GLN B 13 5.41 -20.89 30.81
CA GLN B 13 5.44 -19.61 31.49
C GLN B 13 6.57 -18.74 30.96
N PRO B 14 6.47 -17.41 31.13
CA PRO B 14 7.56 -16.56 30.62
C PRO B 14 8.84 -16.77 31.42
N GLY B 15 9.94 -17.03 30.73
CA GLY B 15 11.20 -17.43 31.35
C GLY B 15 11.53 -18.91 31.17
N GLY B 16 10.50 -19.74 30.96
CA GLY B 16 10.65 -21.19 30.87
C GLY B 16 11.09 -21.71 29.52
N SER B 17 11.05 -23.03 29.38
CA SER B 17 11.65 -23.74 28.24
C SER B 17 10.74 -24.73 27.52
N LEU B 18 11.12 -25.02 26.28
CA LEU B 18 10.43 -25.98 25.42
C LEU B 18 11.40 -26.53 24.40
N ARG B 19 11.24 -27.81 24.05
CA ARG B 19 12.03 -28.46 23.02
C ARG B 19 11.01 -28.91 21.98
N LEU B 20 11.10 -28.36 20.76
CA LEU B 20 10.28 -28.81 19.64
C LEU B 20 11.03 -29.88 18.84
N SER B 21 10.27 -30.82 18.28
CA SER B 21 10.81 -31.91 17.45
C SER B 21 10.12 -31.89 16.09
N CYS B 22 10.81 -32.36 15.06
CA CYS B 22 10.24 -32.50 13.71
C CYS B 22 10.83 -33.73 13.04
N ALA B 23 10.07 -34.82 13.05
CA ALA B 23 10.47 -36.06 12.38
C ALA B 23 10.21 -35.90 10.89
N ALA B 24 11.27 -36.06 10.09
CA ALA B 24 11.19 -35.94 8.64
C ALA B 24 11.35 -37.30 7.99
N SER B 25 10.76 -37.42 6.79
CA SER B 25 10.84 -38.64 6.00
C SER B 25 10.48 -38.31 4.56
N GLY B 26 10.82 -39.23 3.66
CA GLY B 26 10.53 -39.10 2.23
C GLY B 26 11.60 -38.41 1.40
N PHE B 27 12.74 -38.08 2.02
CA PHE B 27 13.87 -37.47 1.32
C PHE B 27 15.14 -37.62 2.15
N THR B 28 16.31 -37.50 1.52
CA THR B 28 17.58 -37.63 2.25
C THR B 28 17.78 -36.36 3.07
N PHE B 29 17.45 -36.48 4.35
CA PHE B 29 17.46 -35.37 5.31
C PHE B 29 18.78 -34.59 5.32
N SER B 30 19.89 -35.32 5.43
CA SER B 30 21.23 -34.75 5.62
C SER B 30 21.77 -33.87 4.47
N SER B 31 21.19 -33.96 3.28
CA SER B 31 21.61 -33.14 2.14
C SER B 31 21.08 -31.70 2.15
N TYR B 32 20.07 -31.43 2.99
CA TYR B 32 19.34 -30.16 2.93
C TYR B 32 19.33 -29.40 4.24
N ALA B 33 19.34 -28.07 4.12
CA ALA B 33 19.12 -27.19 5.25
C ALA B 33 17.64 -27.20 5.65
N MET B 34 17.37 -27.24 6.96
CA MET B 34 16.02 -27.15 7.49
C MET B 34 15.86 -25.83 8.25
N SER B 35 14.66 -25.24 8.19
CA SER B 35 14.33 -24.04 8.97
C SER B 35 13.16 -24.26 9.92
N TRP B 36 13.00 -23.33 10.85
CA TRP B 36 11.78 -23.19 11.64
C TRP B 36 11.18 -21.82 11.33
N VAL B 37 9.89 -21.81 11.01
CA VAL B 37 9.13 -20.59 10.71
C VAL B 37 7.97 -20.53 11.70
N ARG B 38 7.58 -19.33 12.12
CA ARG B 38 6.49 -19.18 13.08
C ARG B 38 5.47 -18.14 12.66
N GLN B 39 4.32 -18.19 13.33
CA GLN B 39 3.20 -17.31 13.04
C GLN B 39 2.39 -17.06 14.32
N ALA B 40 2.43 -15.83 14.81
CA ALA B 40 1.61 -15.42 15.96
C ALA B 40 0.14 -15.29 15.54
N PRO B 41 -0.81 -15.33 16.51
CA PRO B 41 -2.24 -15.21 16.15
C PRO B 41 -2.52 -13.96 15.31
N GLY B 42 -3.17 -14.16 14.16
CA GLY B 42 -3.51 -13.08 13.25
C GLY B 42 -2.36 -12.19 12.77
N LYS B 43 -1.15 -12.74 12.70
CA LYS B 43 0.03 -12.02 12.18
C LYS B 43 0.65 -12.82 11.04
N GLY B 44 1.66 -12.24 10.40
CA GLY B 44 2.32 -12.86 9.27
C GLY B 44 3.30 -13.96 9.65
N LEU B 45 3.98 -14.47 8.62
CA LEU B 45 5.01 -15.49 8.79
C LEU B 45 6.32 -14.82 9.21
N GLU B 46 7.11 -15.55 10.00
CA GLU B 46 8.38 -15.04 10.51
C GLU B 46 9.39 -16.18 10.62
N TRP B 47 10.48 -16.10 9.83
CA TRP B 47 11.57 -17.06 9.92
C TRP B 47 12.30 -16.90 11.26
N VAL B 48 12.50 -18.01 11.98
CA VAL B 48 13.10 -17.97 13.32
C VAL B 48 14.52 -18.55 13.34
N SER B 49 14.76 -19.65 12.63
CA SER B 49 16.07 -20.31 12.64
C SER B 49 16.27 -21.27 11.48
N ALA B 50 17.53 -21.54 11.16
CA ALA B 50 17.92 -22.53 10.16
C ALA B 50 19.19 -23.23 10.57
N ILE B 51 19.39 -24.43 10.04
CA ILE B 51 20.58 -25.23 10.31
C ILE B 51 20.98 -25.99 9.04
N SER B 52 22.28 -26.11 8.81
CA SER B 52 22.80 -26.71 7.57
C SER B 52 22.61 -28.21 7.58
N GLY B 53 22.90 -28.84 6.44
CA GLY B 53 22.70 -30.29 6.22
C GLY B 53 23.27 -31.19 7.31
N ARG B 54 24.54 -31.01 7.62
CA ARG B 54 25.22 -31.82 8.63
C ARG B 54 25.26 -31.12 10.00
N GLY B 55 24.76 -29.89 10.07
CA GLY B 55 24.59 -29.18 11.34
C GLY B 55 25.80 -28.43 11.84
N TYR B 56 26.78 -28.19 10.96
CA TYR B 56 27.99 -27.45 11.31
C TYR B 56 27.74 -25.95 11.47
N ASN B 57 26.67 -25.43 10.85
CA ASN B 57 26.29 -24.02 10.97
C ASN B 57 24.79 -23.81 11.13
N ALA B 58 24.44 -22.75 11.84
CA ALA B 58 23.05 -22.36 12.06
C ALA B 58 22.94 -20.83 12.08
N ASP B 59 21.76 -20.31 11.76
CA ASP B 59 21.50 -18.87 11.91
C ASP B 59 20.15 -18.67 12.60
N TYR B 60 19.97 -17.52 13.23
CA TYR B 60 18.77 -17.20 13.98
C TYR B 60 18.32 -15.77 13.72
N ALA B 61 17.02 -15.55 13.90
CA ALA B 61 16.47 -14.21 13.96
C ALA B 61 17.02 -13.49 15.20
N ASP B 62 17.33 -12.21 15.05
CA ASP B 62 17.89 -11.38 16.13
C ASP B 62 17.10 -11.52 17.45
N SER B 63 15.76 -11.49 17.36
CA SER B 63 14.89 -11.56 18.56
C SER B 63 15.06 -12.85 19.38
N VAL B 64 15.57 -13.88 18.73
CA VAL B 64 15.64 -15.22 19.24
C VAL B 64 17.10 -15.69 19.47
N LYS B 65 18.10 -14.94 18.98
CA LYS B 65 19.54 -15.27 19.17
C LYS B 65 19.92 -15.45 20.64
N GLY B 66 20.62 -16.54 20.94
CA GLY B 66 21.10 -16.79 22.30
C GLY B 66 20.10 -17.50 23.18
N ARG B 67 18.82 -17.35 22.90
CA ARG B 67 17.76 -18.05 23.61
C ARG B 67 17.49 -19.41 23.00
N PHE B 68 17.38 -19.45 21.68
CA PHE B 68 16.99 -20.64 20.96
C PHE B 68 18.25 -21.35 20.49
N THR B 69 18.20 -22.67 20.43
CA THR B 69 19.24 -23.49 19.83
C THR B 69 18.60 -24.48 18.87
N ILE B 70 18.93 -24.37 17.58
CA ILE B 70 18.46 -25.32 16.58
C ILE B 70 19.48 -26.44 16.48
N SER B 71 19.01 -27.66 16.25
CA SER B 71 19.91 -28.82 16.05
C SER B 71 19.20 -29.96 15.33
N ARG B 72 19.98 -30.92 14.86
CA ARG B 72 19.45 -32.07 14.12
C ARG B 72 20.20 -33.35 14.43
N ASP B 73 19.48 -34.47 14.32
CA ASP B 73 20.06 -35.80 14.46
C ASP B 73 19.88 -36.49 13.11
N ASN B 74 20.93 -36.48 12.30
CA ASN B 74 20.87 -37.02 10.92
C ASN B 74 20.72 -38.54 10.84
N SER B 75 21.10 -39.27 11.89
CA SER B 75 20.85 -40.71 11.97
C SER B 75 19.36 -41.02 12.21
N LYS B 76 18.66 -40.14 12.92
CA LYS B 76 17.23 -40.33 13.25
C LYS B 76 16.29 -39.48 12.40
N ASN B 77 16.83 -38.69 11.46
CA ASN B 77 16.04 -37.78 10.62
C ASN B 77 15.10 -36.87 11.42
N THR B 78 15.64 -36.25 12.46
CA THR B 78 14.85 -35.41 13.36
C THR B 78 15.50 -34.04 13.52
N LEU B 79 14.68 -33.00 13.47
CA LEU B 79 15.12 -31.63 13.69
C LEU B 79 14.60 -31.20 15.05
N TYR B 80 15.40 -30.40 15.75
CA TYR B 80 15.06 -29.90 17.08
C TYR B 80 15.15 -28.39 17.16
N LEU B 81 14.43 -27.83 18.13
CA LEU B 81 14.54 -26.43 18.50
C LEU B 81 14.32 -26.32 19.99
N GLN B 82 15.41 -26.17 20.74
CA GLN B 82 15.36 -25.88 22.16
C GLN B 82 15.05 -24.40 22.29
N MET B 83 13.91 -24.07 22.88
CA MET B 83 13.49 -22.70 23.08
C MET B 83 13.60 -22.38 24.56
N ASN B 84 14.50 -21.47 24.92
CA ASN B 84 14.68 -21.05 26.32
C ASN B 84 14.32 -19.59 26.51
N SER B 85 14.14 -19.21 27.77
CA SER B 85 13.72 -17.85 28.16
C SER B 85 12.60 -17.33 27.26
N LEU B 86 11.50 -18.09 27.26
CA LEU B 86 10.38 -17.79 26.38
C LEU B 86 9.61 -16.55 26.84
N ARG B 87 9.09 -15.82 25.87
CA ARG B 87 8.42 -14.54 26.08
C ARG B 87 7.00 -14.58 25.51
N ALA B 88 6.13 -13.72 26.01
CA ALA B 88 4.78 -13.53 25.46
C ALA B 88 4.80 -13.39 23.93
N GLU B 89 5.73 -12.58 23.44
CA GLU B 89 6.01 -12.40 21.99
C GLU B 89 6.23 -13.70 21.19
N ASP B 90 6.77 -14.73 21.82
CA ASP B 90 7.04 -16.02 21.15
C ASP B 90 5.81 -16.92 20.95
N THR B 91 4.67 -16.53 21.51
CA THR B 91 3.43 -17.29 21.35
C THR B 91 3.09 -17.37 19.87
N ALA B 92 2.97 -18.59 19.34
CA ALA B 92 2.85 -18.80 17.89
C ALA B 92 2.67 -20.27 17.49
N VAL B 93 2.28 -20.47 16.23
CA VAL B 93 2.36 -21.78 15.58
C VAL B 93 3.77 -21.88 15.01
N TYR B 94 4.51 -22.92 15.36
CA TYR B 94 5.87 -23.17 14.84
C TYR B 94 5.83 -24.31 13.82
N TYR B 95 6.25 -24.02 12.59
CA TYR B 95 6.41 -25.00 11.53
C TYR B 95 7.89 -25.30 11.27
N CYS B 96 8.24 -26.57 11.03
CA CYS B 96 9.51 -26.92 10.38
C CYS B 96 9.28 -26.93 8.88
N ALA B 97 10.32 -26.54 8.12
CA ALA B 97 10.28 -26.47 6.67
C ALA B 97 11.60 -26.91 6.03
N LYS B 98 11.48 -27.61 4.90
CA LYS B 98 12.62 -28.11 4.12
C LYS B 98 13.11 -27.03 3.18
N LEU B 99 14.44 -26.97 3.00
CA LEU B 99 15.09 -26.06 2.05
C LEU B 99 15.10 -24.60 2.51
N GLU B 100 15.48 -23.69 1.61
CA GLU B 100 15.52 -22.26 1.87
C GLU B 100 14.32 -21.51 1.29
N TYR B 101 13.48 -22.17 0.49
CA TYR B 101 12.22 -21.57 0.04
C TYR B 101 10.97 -22.45 0.23
N PHE B 102 11.04 -23.42 1.14
CA PHE B 102 9.78 -23.94 1.75
C PHE B 102 8.75 -24.73 0.95
N ASP B 103 9.22 -25.49 -0.03
CA ASP B 103 8.38 -26.41 -0.82
C ASP B 103 7.44 -27.30 0.01
N TYR B 104 7.92 -27.80 1.16
CA TYR B 104 7.15 -28.66 2.06
C TYR B 104 7.20 -28.11 3.49
N TRP B 105 6.03 -27.94 4.09
CA TRP B 105 5.87 -27.52 5.48
C TRP B 105 5.26 -28.67 6.27
N GLY B 106 5.41 -28.62 7.59
CA GLY B 106 4.63 -29.46 8.50
C GLY B 106 3.31 -28.78 8.77
N GLN B 107 2.44 -29.44 9.53
CA GLN B 107 1.15 -28.87 9.95
C GLN B 107 1.24 -27.91 11.16
N GLY B 108 2.45 -27.67 11.67
CA GLY B 108 2.66 -26.76 12.78
C GLY B 108 2.42 -27.40 14.14
N THR B 109 2.89 -26.71 15.17
CA THR B 109 2.63 -27.05 16.56
C THR B 109 2.53 -25.72 17.34
N LEU B 110 1.49 -25.58 18.14
CA LEU B 110 1.20 -24.31 18.80
C LEU B 110 1.96 -24.17 20.11
N VAL B 111 2.56 -23.00 20.33
CA VAL B 111 3.28 -22.67 21.57
C VAL B 111 2.65 -21.41 22.16
N THR B 112 2.21 -21.49 23.42
CA THR B 112 1.56 -20.38 24.10
C THR B 112 2.33 -20.05 25.37
N VAL B 113 2.73 -18.78 25.50
CA VAL B 113 3.52 -18.33 26.63
C VAL B 113 2.68 -17.36 27.47
N SER B 114 2.39 -17.75 28.72
CA SER B 114 1.59 -16.92 29.63
C SER B 114 1.87 -17.25 31.09
N SER B 115 1.74 -16.25 31.95
CA SER B 115 1.81 -16.46 33.40
C SER B 115 0.63 -17.27 33.94
N ALA B 116 -0.52 -17.22 33.24
CA ALA B 116 -1.77 -17.78 33.74
C ALA B 116 -1.80 -19.30 33.79
N SER B 117 -2.50 -19.84 34.80
CA SER B 117 -2.88 -21.25 34.84
C SER B 117 -4.15 -21.48 34.01
N THR B 118 -4.37 -22.73 33.62
CA THR B 118 -5.56 -23.11 32.88
C THR B 118 -6.78 -22.89 33.76
N LYS B 119 -7.79 -22.25 33.17
CA LYS B 119 -8.91 -21.69 33.91
C LYS B 119 -10.12 -21.62 32.99
N GLY B 120 -11.27 -22.12 33.46
CA GLY B 120 -12.51 -22.07 32.70
C GLY B 120 -13.11 -20.67 32.68
N PRO B 121 -13.96 -20.38 31.68
CA PRO B 121 -14.51 -19.04 31.54
C PRO B 121 -15.69 -18.74 32.45
N SER B 122 -15.90 -17.46 32.71
CA SER B 122 -17.16 -16.96 33.22
C SER B 122 -17.97 -16.56 31.99
N VAL B 123 -19.24 -16.93 31.95
CA VAL B 123 -20.12 -16.59 30.84
C VAL B 123 -21.25 -15.69 31.35
N PHE B 124 -21.34 -14.49 30.78
CA PHE B 124 -22.36 -13.50 31.16
C PHE B 124 -23.28 -13.23 29.96
N PRO B 125 -24.60 -13.05 30.20
CA PRO B 125 -25.52 -12.79 29.09
C PRO B 125 -25.39 -11.38 28.51
N LEU B 126 -26.01 -11.16 27.36
CA LEU B 126 -26.06 -9.84 26.71
C LEU B 126 -27.49 -9.52 26.27
N SER B 136 -37.42 -4.35 14.28
CA SER B 136 -37.66 -5.41 13.32
C SER B 136 -36.90 -6.70 13.68
N THR B 137 -35.57 -6.59 13.83
CA THR B 137 -34.69 -7.73 14.16
C THR B 137 -33.79 -7.36 15.36
N ALA B 138 -33.82 -8.21 16.39
CA ALA B 138 -33.05 -7.98 17.64
C ALA B 138 -31.79 -8.83 17.68
N ALA B 139 -30.89 -8.48 18.60
CA ALA B 139 -29.63 -9.19 18.81
C ALA B 139 -29.45 -9.55 20.28
N LEU B 140 -28.90 -10.73 20.55
CA LEU B 140 -28.51 -11.14 21.90
C LEU B 140 -27.26 -12.03 21.87
N GLY B 141 -26.63 -12.22 23.03
CA GLY B 141 -25.35 -12.94 23.09
C GLY B 141 -24.89 -13.34 24.48
N CYS B 142 -23.68 -13.92 24.55
CA CYS B 142 -22.96 -14.14 25.81
C CYS B 142 -21.53 -13.63 25.69
N LEU B 143 -21.06 -13.01 26.77
CA LEU B 143 -19.69 -12.55 26.91
C LEU B 143 -18.91 -13.63 27.65
N VAL B 144 -17.94 -14.26 26.97
CA VAL B 144 -17.10 -15.31 27.55
C VAL B 144 -15.79 -14.67 28.04
N LYS B 145 -15.59 -14.68 29.36
CA LYS B 145 -14.58 -13.87 30.02
C LYS B 145 -13.58 -14.69 30.83
N ASP B 146 -12.35 -14.18 30.93
CA ASP B 146 -11.33 -14.62 31.89
C ASP B 146 -11.01 -16.12 31.87
N TYR B 147 -10.72 -16.62 30.67
CA TYR B 147 -10.27 -18.00 30.48
C TYR B 147 -8.86 -18.07 29.92
N PHE B 148 -8.23 -19.22 30.07
CA PHE B 148 -6.94 -19.50 29.48
C PHE B 148 -6.74 -21.03 29.47
N PRO B 149 -6.16 -21.61 28.42
CA PRO B 149 -5.79 -20.95 27.17
C PRO B 149 -6.94 -21.00 26.18
N GLU B 150 -6.68 -20.57 24.95
CA GLU B 150 -7.57 -20.86 23.81
C GLU B 150 -7.62 -22.39 23.58
N PRO B 151 -8.66 -22.92 22.93
CA PRO B 151 -9.79 -22.18 22.41
C PRO B 151 -11.06 -22.38 23.23
N VAL B 152 -12.05 -21.52 22.96
CA VAL B 152 -13.43 -21.69 23.41
C VAL B 152 -14.27 -21.89 22.16
N THR B 153 -15.25 -22.79 22.23
CA THR B 153 -16.24 -22.94 21.18
C THR B 153 -17.63 -22.64 21.75
N VAL B 154 -18.45 -21.91 20.99
CA VAL B 154 -19.79 -21.52 21.42
C VAL B 154 -20.81 -21.95 20.37
N SER B 155 -21.74 -22.81 20.76
CA SER B 155 -22.93 -23.12 19.96
C SER B 155 -24.16 -22.51 20.63
N TRP B 156 -25.26 -22.45 19.89
CA TRP B 156 -26.53 -21.86 20.37
C TRP B 156 -27.68 -22.86 20.30
N ASN B 157 -28.41 -23.01 21.41
CA ASN B 157 -29.49 -23.99 21.54
C ASN B 157 -29.06 -25.40 21.14
N SER B 158 -27.90 -25.82 21.66
CA SER B 158 -27.30 -27.12 21.37
C SER B 158 -27.09 -27.41 19.88
N GLY B 159 -26.69 -26.38 19.13
CA GLY B 159 -26.44 -26.51 17.69
C GLY B 159 -27.64 -26.28 16.79
N ALA B 160 -28.83 -26.12 17.37
CA ALA B 160 -30.08 -25.94 16.59
C ALA B 160 -30.20 -24.56 15.93
N LEU B 161 -29.57 -23.54 16.52
CA LEU B 161 -29.49 -22.20 15.94
C LEU B 161 -28.06 -21.90 15.47
N THR B 162 -27.82 -22.13 14.17
CA THR B 162 -26.57 -21.69 13.49
C THR B 162 -26.78 -20.48 12.57
N SER B 163 -28.03 -20.17 12.25
CA SER B 163 -28.36 -19.10 11.31
C SER B 163 -28.13 -17.70 11.93
N GLY B 164 -27.27 -16.91 11.30
CA GLY B 164 -26.98 -15.56 11.74
C GLY B 164 -26.15 -15.44 13.01
N VAL B 165 -25.37 -16.49 13.32
CA VAL B 165 -24.52 -16.53 14.51
C VAL B 165 -23.10 -16.01 14.18
N HIS B 166 -22.59 -15.13 15.04
CA HIS B 166 -21.22 -14.61 14.92
C HIS B 166 -20.48 -14.79 16.23
N THR B 167 -19.41 -15.59 16.22
CA THR B 167 -18.48 -15.72 17.35
C THR B 167 -17.17 -15.03 16.98
N PHE B 168 -16.72 -14.12 17.85
CA PHE B 168 -15.60 -13.22 17.54
C PHE B 168 -14.26 -13.83 17.92
N PRO B 169 -13.18 -13.46 17.19
CA PRO B 169 -11.83 -13.78 17.63
C PRO B 169 -11.59 -13.30 19.04
N ALA B 170 -10.95 -14.12 19.87
CA ALA B 170 -10.73 -13.77 21.27
C ALA B 170 -9.65 -12.70 21.39
N VAL B 171 -9.81 -11.82 22.37
CA VAL B 171 -8.84 -10.77 22.65
C VAL B 171 -8.11 -11.13 23.94
N LEU B 172 -6.78 -11.05 23.90
CA LEU B 172 -5.96 -11.26 25.08
C LEU B 172 -5.97 -9.98 25.90
N GLN B 173 -6.53 -10.04 27.12
CA GLN B 173 -6.62 -8.87 27.99
C GLN B 173 -5.31 -8.67 28.75
N SER B 174 -5.18 -7.51 29.40
CA SER B 174 -3.98 -7.16 30.17
C SER B 174 -3.77 -8.01 31.43
N SER B 175 -4.82 -8.68 31.89
CA SER B 175 -4.72 -9.69 32.95
C SER B 175 -3.94 -10.95 32.54
N GLY B 176 -3.83 -11.21 31.24
CA GLY B 176 -3.21 -12.44 30.72
C GLY B 176 -4.22 -13.50 30.37
N LEU B 177 -5.51 -13.20 30.60
CA LEU B 177 -6.62 -14.11 30.34
C LEU B 177 -7.41 -13.64 29.12
N TYR B 178 -7.86 -14.58 28.29
CA TYR B 178 -8.60 -14.27 27.08
C TYR B 178 -10.05 -13.91 27.38
N SER B 179 -10.71 -13.31 26.38
CA SER B 179 -12.10 -12.90 26.48
C SER B 179 -12.71 -12.69 25.09
N LEU B 180 -13.89 -13.27 24.86
CA LEU B 180 -14.60 -13.08 23.59
C LEU B 180 -16.10 -12.94 23.81
N SER B 181 -16.82 -12.67 22.73
CA SER B 181 -18.28 -12.64 22.73
C SER B 181 -18.83 -13.45 21.56
N SER B 182 -20.00 -14.03 21.76
CA SER B 182 -20.75 -14.69 20.69
C SER B 182 -22.14 -14.07 20.64
N VAL B 183 -22.58 -13.71 19.45
CA VAL B 183 -23.86 -13.03 19.24
C VAL B 183 -24.65 -13.71 18.13
N VAL B 184 -25.97 -13.61 18.23
CA VAL B 184 -26.88 -14.10 17.20
C VAL B 184 -27.99 -13.07 17.04
N THR B 185 -28.41 -12.84 15.80
CA THR B 185 -29.57 -12.01 15.51
C THR B 185 -30.78 -12.92 15.30
N VAL B 186 -31.94 -12.47 15.79
CA VAL B 186 -33.21 -13.20 15.71
C VAL B 186 -34.37 -12.23 15.45
N PRO B 187 -35.54 -12.74 15.00
CA PRO B 187 -36.70 -11.85 14.81
C PRO B 187 -37.23 -11.24 16.12
N SER B 188 -37.53 -9.93 16.11
CA SER B 188 -37.92 -9.16 17.31
C SER B 188 -39.04 -9.81 18.11
N SER B 189 -40.08 -10.29 17.42
CA SER B 189 -41.20 -10.96 18.07
C SER B 189 -40.98 -12.48 18.13
N SER B 190 -39.89 -12.88 18.79
CA SER B 190 -39.70 -14.25 19.27
C SER B 190 -38.96 -14.24 20.62
N LEU B 191 -39.11 -13.15 21.38
CA LEU B 191 -38.28 -12.87 22.56
C LEU B 191 -38.78 -13.64 23.79
N GLY B 192 -39.94 -13.24 24.32
CA GLY B 192 -40.53 -13.90 25.49
C GLY B 192 -40.96 -15.34 25.23
N THR B 193 -41.40 -15.62 24.00
CA THR B 193 -41.92 -16.94 23.62
C THR B 193 -40.90 -18.09 23.58
N LYS B 194 -39.72 -17.85 23.01
CA LYS B 194 -38.73 -18.90 22.72
C LYS B 194 -37.44 -18.73 23.54
N THR B 195 -36.82 -19.85 23.92
CA THR B 195 -35.61 -19.88 24.74
C THR B 195 -34.34 -19.78 23.89
N TYR B 196 -33.47 -18.82 24.24
CA TYR B 196 -32.16 -18.66 23.61
C TYR B 196 -31.06 -18.91 24.64
N THR B 197 -30.40 -20.06 24.50
CA THR B 197 -29.34 -20.52 25.39
C THR B 197 -28.05 -20.73 24.58
N CYS B 198 -26.91 -20.33 25.15
CA CYS B 198 -25.60 -20.61 24.54
C CYS B 198 -24.81 -21.65 25.32
N ASN B 199 -24.16 -22.54 24.58
CA ASN B 199 -23.34 -23.61 25.15
C ASN B 199 -21.89 -23.25 24.92
N VAL B 200 -21.19 -22.94 26.00
CA VAL B 200 -19.79 -22.51 25.95
C VAL B 200 -18.90 -23.63 26.47
N ASP B 201 -18.19 -24.28 25.55
CA ASP B 201 -17.24 -25.34 25.89
C ASP B 201 -15.80 -24.82 25.89
N HIS B 202 -15.09 -25.08 26.98
CA HIS B 202 -13.67 -24.81 27.08
C HIS B 202 -12.96 -26.12 27.41
N LYS B 203 -12.56 -26.83 26.36
CA LYS B 203 -11.99 -28.18 26.49
C LYS B 203 -10.62 -28.28 27.21
N PRO B 204 -9.83 -27.19 27.23
CA PRO B 204 -8.60 -27.20 28.04
C PRO B 204 -8.79 -27.35 29.56
N SER B 205 -9.84 -26.73 30.12
CA SER B 205 -10.12 -26.83 31.56
C SER B 205 -11.17 -27.88 31.92
N ASN B 206 -11.75 -28.54 30.92
CA ASN B 206 -12.90 -29.45 31.08
C ASN B 206 -14.10 -28.75 31.73
N THR B 207 -14.43 -27.58 31.18
CA THR B 207 -15.51 -26.72 31.65
C THR B 207 -16.51 -26.54 30.52
N LYS B 208 -17.79 -26.78 30.82
CA LYS B 208 -18.90 -26.50 29.91
C LYS B 208 -19.88 -25.62 30.65
N VAL B 209 -20.42 -24.60 29.99
CA VAL B 209 -21.37 -23.67 30.61
C VAL B 209 -22.54 -23.43 29.66
N ASP B 210 -23.75 -23.66 30.17
CA ASP B 210 -24.99 -23.26 29.51
C ASP B 210 -25.47 -21.96 30.15
N LYS B 211 -25.95 -21.03 29.32
CA LYS B 211 -26.39 -19.73 29.81
C LYS B 211 -27.64 -19.28 29.04
N ARG B 212 -28.77 -19.23 29.74
CA ARG B 212 -30.02 -18.74 29.17
C ARG B 212 -29.95 -17.21 29.07
N VAL B 213 -30.52 -16.66 27.99
CA VAL B 213 -30.51 -15.22 27.71
C VAL B 213 -31.94 -14.73 27.47
N GLU B 214 -32.28 -13.60 28.07
CA GLU B 214 -33.66 -13.09 28.07
C GLU B 214 -33.74 -11.61 28.47
N SER B 215 -34.73 -10.90 27.91
CA SER B 215 -34.92 -9.47 28.19
C SER B 215 -35.58 -9.23 29.57
N THR C 6 31.04 -10.54 -15.18
CA THR C 6 31.30 -11.78 -15.99
C THR C 6 31.20 -13.04 -15.14
N CYS C 7 30.28 -13.92 -15.55
CA CYS C 7 29.89 -15.15 -14.84
C CYS C 7 29.73 -14.99 -13.32
N PRO C 8 28.67 -14.27 -12.89
CA PRO C 8 28.47 -14.01 -11.45
C PRO C 8 28.13 -15.26 -10.64
N ILE C 9 27.39 -16.19 -11.23
CA ILE C 9 26.91 -17.39 -10.53
C ILE C 9 28.05 -18.34 -10.10
N PHE C 10 29.14 -18.39 -10.86
CA PHE C 10 30.33 -19.16 -10.49
C PHE C 10 30.98 -18.59 -9.23
N TYR C 11 31.31 -17.32 -9.26
CA TYR C 11 31.98 -16.65 -8.14
C TYR C 11 31.17 -16.62 -6.85
N ASP C 12 29.84 -16.69 -6.97
CA ASP C 12 28.97 -16.82 -5.80
C ASP C 12 29.06 -18.21 -5.18
N VAL C 13 29.16 -19.25 -6.01
CA VAL C 13 29.33 -20.63 -5.53
C VAL C 13 30.72 -20.86 -4.92
N PHE C 14 31.76 -20.38 -5.60
CA PHE C 14 33.14 -20.45 -5.09
C PHE C 14 33.29 -19.71 -3.75
N PHE C 15 32.77 -18.49 -3.68
CA PHE C 15 32.73 -17.69 -2.45
C PHE C 15 31.96 -18.44 -1.33
N ALA C 16 30.88 -19.11 -1.69
CA ALA C 16 30.12 -19.92 -0.73
C ALA C 16 30.88 -21.16 -0.26
N VAL C 17 31.67 -21.77 -1.15
CA VAL C 17 32.56 -22.87 -0.78
C VAL C 17 33.69 -22.36 0.12
N ALA C 18 34.46 -21.38 -0.37
CA ALA C 18 35.65 -20.88 0.33
C ALA C 18 35.41 -20.27 1.71
N ASN C 19 34.31 -19.54 1.87
CA ASN C 19 34.02 -18.87 3.13
C ASN C 19 33.75 -19.82 4.31
N GLY C 20 33.48 -21.10 4.03
CA GLY C 20 33.45 -22.11 5.07
C GLY C 20 32.18 -22.23 5.92
N ASN C 21 31.13 -21.51 5.53
CA ASN C 21 29.83 -21.59 6.21
C ASN C 21 28.91 -22.55 5.46
N GLU C 22 28.64 -23.70 6.07
CA GLU C 22 27.83 -24.75 5.43
C GLU C 22 26.41 -24.32 5.07
N LEU C 23 25.81 -23.48 5.91
CA LEU C 23 24.44 -23.00 5.70
C LEU C 23 24.35 -22.12 4.46
N LEU C 24 25.33 -21.24 4.30
CA LEU C 24 25.38 -20.35 3.13
C LEU C 24 25.74 -21.11 1.86
N LEU C 25 26.47 -22.21 1.98
CA LEU C 25 26.72 -23.11 0.86
C LEU C 25 25.48 -23.89 0.46
N ASP C 26 24.72 -24.39 1.44
CA ASP C 26 23.43 -25.06 1.16
C ASP C 26 22.50 -24.16 0.37
N LEU C 27 22.53 -22.87 0.67
CA LEU C 27 21.76 -21.86 -0.04
C LEU C 27 22.19 -21.75 -1.50
N SER C 28 23.50 -21.63 -1.73
CA SER C 28 24.08 -21.59 -3.10
C SER C 28 23.71 -22.82 -3.92
N LEU C 29 23.82 -23.98 -3.29
CA LEU C 29 23.55 -25.24 -3.97
C LEU C 29 22.09 -25.39 -4.35
N THR C 30 21.18 -24.86 -3.52
CA THR C 30 19.77 -24.78 -3.88
C THR C 30 19.59 -23.84 -5.08
N LYS C 31 20.19 -22.66 -5.05
CA LYS C 31 20.10 -21.67 -6.13
C LYS C 31 20.50 -22.22 -7.51
N VAL C 32 21.52 -23.11 -7.53
CA VAL C 32 22.00 -23.74 -8.76
C VAL C 32 21.49 -25.19 -8.97
N ALA C 33 20.39 -25.55 -8.30
CA ALA C 33 19.70 -26.84 -8.47
C ALA C 33 20.64 -28.06 -8.50
N ALA C 34 21.55 -28.11 -7.53
CA ALA C 34 22.54 -29.17 -7.45
C ALA C 34 21.92 -30.46 -6.90
N THR C 35 22.31 -31.59 -7.48
CA THR C 35 21.86 -32.90 -7.03
C THR C 35 22.58 -33.29 -5.74
N GLU C 36 22.02 -34.28 -5.03
CA GLU C 36 22.56 -34.68 -3.72
C GLU C 36 24.03 -35.14 -3.77
N PRO C 37 24.43 -35.88 -4.82
CA PRO C 37 25.87 -36.19 -5.01
C PRO C 37 26.74 -34.97 -5.31
N GLU C 38 26.22 -34.03 -6.08
CA GLU C 38 26.91 -32.76 -6.35
C GLU C 38 27.05 -31.92 -5.07
N ARG C 39 26.00 -31.89 -4.24
CA ARG C 39 26.07 -31.22 -2.93
C ARG C 39 27.17 -31.85 -2.06
N THR C 40 27.16 -33.17 -1.96
CA THR C 40 28.17 -33.89 -1.17
C THR C 40 29.60 -33.53 -1.58
N ALA C 41 29.84 -33.48 -2.89
CA ALA C 41 31.19 -33.20 -3.41
C ALA C 41 31.68 -31.78 -3.13
N MET C 42 30.79 -30.79 -3.22
CA MET C 42 31.15 -29.40 -2.91
C MET C 42 31.40 -29.19 -1.40
N LYS C 43 30.65 -29.90 -0.55
CA LYS C 43 30.85 -29.82 0.91
C LYS C 43 32.18 -30.41 1.36
N LYS C 44 32.65 -31.43 0.66
CA LYS C 44 33.99 -31.96 0.88
C LYS C 44 35.10 -30.97 0.47
N ILE C 45 34.85 -30.18 -0.58
CA ILE C 45 35.79 -29.11 -0.95
C ILE C 45 35.77 -28.05 0.15
N GLN C 46 34.58 -27.67 0.62
CA GLN C 46 34.44 -26.69 1.70
C GLN C 46 35.15 -27.11 2.97
N ASP C 47 35.05 -28.39 3.33
CA ASP C 47 35.77 -28.93 4.50
C ASP C 47 37.28 -28.64 4.47
N CYS C 48 37.87 -28.65 3.28
CA CYS C 48 39.30 -28.33 3.13
C CYS C 48 39.63 -26.88 3.47
N TYR C 49 38.79 -25.95 3.07
CA TYR C 49 38.93 -24.55 3.49
C TYR C 49 38.69 -24.36 4.99
N VAL C 50 37.73 -25.09 5.55
CA VAL C 50 37.40 -24.99 6.98
C VAL C 50 38.50 -25.59 7.84
N GLU C 51 38.99 -26.77 7.47
CA GLU C 51 40.09 -27.42 8.19
C GLU C 51 41.40 -26.68 8.12
N ASN C 52 41.67 -26.04 6.98
CA ASN C 52 42.92 -25.30 6.80
C ASN C 52 42.83 -23.81 7.12
N GLY C 53 41.71 -23.39 7.71
CA GLY C 53 41.61 -22.09 8.36
C GLY C 53 41.39 -20.89 7.47
N LEU C 54 41.28 -19.73 8.10
CA LEU C 54 40.91 -18.47 7.43
C LEU C 54 41.88 -18.12 6.32
N ILE C 55 43.17 -18.21 6.60
CA ILE C 55 44.20 -17.86 5.59
C ILE C 55 44.15 -18.70 4.31
N SER C 56 43.56 -19.91 4.37
CA SER C 56 43.31 -20.68 3.15
C SER C 56 42.32 -19.97 2.23
N ARG C 57 41.29 -19.37 2.82
CA ARG C 57 40.36 -18.55 2.06
C ARG C 57 41.05 -17.32 1.51
N VAL C 58 41.82 -16.64 2.36
CA VAL C 58 42.42 -15.35 2.02
C VAL C 58 43.47 -15.52 0.92
N LEU C 59 44.34 -16.52 1.05
CA LEU C 59 45.40 -16.76 0.08
C LEU C 59 44.91 -17.43 -1.21
N ASP C 60 43.86 -18.23 -1.14
CA ASP C 60 43.21 -18.76 -2.35
C ASP C 60 42.36 -17.68 -3.04
N GLY C 61 41.81 -16.75 -2.27
CA GLY C 61 41.15 -15.57 -2.81
C GLY C 61 42.11 -14.66 -3.57
N LEU C 62 43.33 -14.52 -3.04
CA LEU C 62 44.42 -13.83 -3.73
C LEU C 62 44.75 -14.50 -5.07
N VAL C 63 44.79 -15.84 -5.07
CA VAL C 63 45.07 -16.62 -6.28
C VAL C 63 43.97 -16.43 -7.32
N MET C 64 42.72 -16.65 -6.94
CA MET C 64 41.58 -16.51 -7.87
C MET C 64 41.44 -15.09 -8.39
N THR C 65 41.81 -14.10 -7.57
CA THR C 65 41.76 -12.69 -7.97
C THR C 65 42.81 -12.36 -9.04
N THR C 66 44.06 -12.77 -8.83
CA THR C 66 45.15 -12.44 -9.75
C THR C 66 45.06 -13.19 -11.09
N ILE C 67 44.40 -14.34 -11.10
CA ILE C 67 44.08 -15.04 -12.36
C ILE C 67 42.99 -14.26 -13.11
N SER C 68 41.90 -13.93 -12.43
CA SER C 68 40.75 -13.25 -13.03
C SER C 68 41.01 -11.84 -13.56
N SER C 69 42.04 -11.16 -13.06
CA SER C 69 42.46 -9.86 -13.59
C SER C 69 43.74 -9.91 -14.46
N SER C 70 44.13 -11.11 -14.91
CA SER C 70 45.35 -11.29 -15.71
C SER C 70 45.13 -10.90 -17.17
N LYS C 71 46.21 -10.89 -17.94
CA LYS C 71 46.17 -10.64 -19.40
C LYS C 71 45.25 -11.65 -20.09
N ASP C 72 45.36 -12.90 -19.64
CA ASP C 72 44.61 -14.04 -20.17
C ASP C 72 43.08 -13.83 -20.07
N CYS C 73 42.63 -13.16 -19.01
CA CYS C 73 41.23 -12.71 -18.88
C CYS C 73 41.12 -11.24 -19.29
N ILE C 94 33.08 -16.16 -18.78
CA ILE C 94 33.85 -17.03 -17.88
C ILE C 94 35.24 -17.33 -18.44
N CYS C 95 36.27 -16.89 -17.73
CA CYS C 95 37.65 -16.97 -18.21
C CYS C 95 38.14 -18.42 -18.33
N PRO C 96 38.71 -18.81 -19.50
CA PRO C 96 39.32 -20.15 -19.62
C PRO C 96 40.53 -20.40 -18.71
N ALA C 97 41.22 -19.35 -18.28
CA ALA C 97 42.28 -19.47 -17.27
C ALA C 97 41.73 -19.89 -15.91
N VAL C 98 40.56 -19.35 -15.55
CA VAL C 98 39.88 -19.69 -14.30
C VAL C 98 39.31 -21.10 -14.37
N LYS C 99 38.70 -21.44 -15.49
CA LYS C 99 38.19 -22.79 -15.75
C LYS C 99 39.30 -23.83 -15.61
N ARG C 100 40.46 -23.51 -16.17
CA ARG C 100 41.66 -24.35 -16.15
C ARG C 100 42.24 -24.52 -14.74
N ASP C 101 42.28 -23.44 -13.98
CA ASP C 101 42.72 -23.48 -12.56
C ASP C 101 41.90 -24.48 -11.74
N VAL C 102 40.58 -24.46 -11.93
CA VAL C 102 39.67 -25.29 -11.15
C VAL C 102 39.83 -26.76 -11.52
N ASP C 103 39.92 -27.05 -12.82
CA ASP C 103 40.13 -28.44 -13.27
C ASP C 103 41.43 -29.02 -12.72
N LEU C 104 42.50 -28.23 -12.72
CA LEU C 104 43.78 -28.68 -12.16
C LEU C 104 43.67 -28.94 -10.67
N PHE C 105 43.06 -28.01 -9.94
CA PHE C 105 42.82 -28.19 -8.50
C PHE C 105 42.11 -29.51 -8.19
N LEU C 106 41.18 -29.91 -9.05
CA LEU C 106 40.43 -31.16 -8.85
C LEU C 106 41.16 -32.37 -9.44
N THR C 107 41.40 -32.37 -10.74
CA THR C 107 41.87 -33.57 -11.46
C THR C 107 43.38 -33.67 -11.71
N GLY C 108 44.09 -32.54 -11.70
CA GLY C 108 45.55 -32.53 -11.91
C GLY C 108 46.33 -33.05 -10.70
N THR C 109 47.63 -33.26 -10.88
CA THR C 109 48.49 -33.68 -9.76
C THR C 109 48.86 -32.45 -8.92
N PRO C 110 49.30 -32.67 -7.66
CA PRO C 110 49.74 -31.55 -6.81
C PRO C 110 50.82 -30.65 -7.44
N ASP C 111 51.81 -31.26 -8.09
CA ASP C 111 52.85 -30.49 -8.79
C ASP C 111 52.29 -29.72 -9.99
N GLU C 112 51.33 -30.30 -10.72
CA GLU C 112 50.69 -29.63 -11.86
C GLU C 112 49.93 -28.36 -11.42
N TYR C 113 49.11 -28.50 -10.37
CA TYR C 113 48.34 -27.37 -9.83
C TYR C 113 49.24 -26.25 -9.32
N VAL C 114 50.24 -26.60 -8.51
CA VAL C 114 51.10 -25.61 -7.85
C VAL C 114 52.00 -24.88 -8.86
N GLU C 115 52.49 -25.59 -9.87
CA GLU C 115 53.29 -24.97 -10.95
C GLU C 115 52.44 -24.01 -11.78
N GLN C 116 51.17 -24.36 -11.98
CA GLN C 116 50.22 -23.49 -12.67
C GLN C 116 49.90 -22.22 -11.86
N VAL C 117 49.71 -22.38 -10.55
CA VAL C 117 49.49 -21.23 -9.65
C VAL C 117 50.73 -20.32 -9.62
N ALA C 118 51.92 -20.92 -9.74
CA ALA C 118 53.18 -20.17 -9.70
C ALA C 118 53.37 -19.19 -10.86
N GLN C 119 52.81 -19.53 -12.02
CA GLN C 119 52.85 -18.64 -13.19
C GLN C 119 51.99 -17.38 -13.03
N TYR C 120 50.97 -17.44 -12.17
CA TYR C 120 50.14 -16.28 -11.85
C TYR C 120 50.60 -15.52 -10.58
N LYS C 121 51.03 -16.26 -9.56
CA LYS C 121 51.57 -15.65 -8.34
C LYS C 121 52.47 -16.63 -7.60
N ALA C 122 53.70 -16.20 -7.32
CA ALA C 122 54.76 -17.10 -6.84
C ALA C 122 55.27 -16.76 -5.42
N LEU C 123 54.44 -16.17 -4.56
CA LEU C 123 54.82 -15.93 -3.16
C LEU C 123 54.90 -17.28 -2.43
N PRO C 124 56.02 -17.56 -1.72
CA PRO C 124 56.17 -18.84 -0.98
C PRO C 124 54.96 -19.25 -0.16
N VAL C 125 54.34 -18.31 0.56
CA VAL C 125 53.14 -18.58 1.38
C VAL C 125 51.93 -19.01 0.54
N VAL C 126 51.81 -18.47 -0.68
CA VAL C 126 50.70 -18.80 -1.58
C VAL C 126 50.87 -20.21 -2.15
N LEU C 127 52.10 -20.56 -2.55
CA LEU C 127 52.41 -21.88 -3.06
C LEU C 127 52.36 -22.93 -1.94
N GLU C 128 52.73 -22.53 -0.71
CA GLU C 128 52.56 -23.38 0.46
C GLU C 128 51.08 -23.69 0.69
N ASN C 129 50.24 -22.65 0.63
CA ASN C 129 48.79 -22.80 0.81
C ASN C 129 48.17 -23.60 -0.32
N ALA C 130 48.63 -23.34 -1.55
CA ALA C 130 48.20 -24.09 -2.73
C ALA C 130 48.35 -25.60 -2.54
N ARG C 131 49.53 -26.03 -2.08
CA ARG C 131 49.81 -27.45 -1.91
C ARG C 131 49.04 -28.08 -0.75
N ILE C 132 48.86 -27.32 0.35
CA ILE C 132 48.09 -27.79 1.51
C ILE C 132 46.63 -28.09 1.15
N LEU C 133 45.99 -27.20 0.40
CA LEU C 133 44.61 -27.41 -0.05
C LEU C 133 44.52 -28.57 -1.02
N LYS C 134 45.37 -28.55 -2.03
CA LYS C 134 45.39 -29.59 -3.07
C LYS C 134 45.60 -31.01 -2.51
N ASN C 135 46.47 -31.13 -1.51
CA ASN C 135 46.64 -32.41 -0.80
C ASN C 135 45.41 -32.81 0.00
N CYS C 136 44.76 -31.83 0.63
CA CYS C 136 43.54 -32.09 1.40
C CYS C 136 42.45 -32.66 0.51
N VAL C 137 42.12 -31.99 -0.59
CA VAL C 137 41.04 -32.44 -1.48
C VAL C 137 41.34 -33.77 -2.13
N ASP C 138 42.61 -34.01 -2.49
CA ASP C 138 43.00 -35.31 -3.04
C ASP C 138 42.85 -36.44 -2.03
N ALA C 139 43.17 -36.18 -0.77
CA ALA C 139 42.97 -37.15 0.31
C ALA C 139 41.50 -37.35 0.69
N LYS C 140 40.72 -36.27 0.59
CA LYS C 140 39.34 -36.23 1.09
C LYS C 140 38.28 -36.64 0.06
N MET C 141 38.51 -36.36 -1.22
CA MET C 141 37.54 -36.66 -2.27
C MET C 141 37.90 -37.91 -3.05
N THR C 142 36.89 -38.74 -3.31
CA THR C 142 37.01 -39.90 -4.20
C THR C 142 36.95 -39.41 -5.64
N GLU C 143 37.13 -40.32 -6.59
CA GLU C 143 36.94 -40.00 -8.02
C GLU C 143 35.50 -39.65 -8.35
N GLU C 144 34.55 -40.29 -7.66
CA GLU C 144 33.12 -39.97 -7.82
C GLU C 144 32.82 -38.53 -7.42
N ASP C 145 33.39 -38.09 -6.30
CA ASP C 145 33.22 -36.70 -5.85
C ASP C 145 33.86 -35.70 -6.82
N LYS C 146 35.05 -36.03 -7.32
CA LYS C 146 35.74 -35.19 -8.31
C LYS C 146 34.92 -35.03 -9.58
N GLU C 147 34.39 -36.14 -10.09
CA GLU C 147 33.49 -36.13 -11.26
C GLU C 147 32.22 -35.29 -11.03
N ASN C 148 31.61 -35.43 -9.86
CA ASN C 148 30.40 -34.66 -9.50
C ASN C 148 30.61 -33.15 -9.38
N ALA C 149 31.74 -32.75 -8.80
CA ALA C 149 32.10 -31.32 -8.72
C ALA C 149 32.25 -30.70 -10.10
N LEU C 150 32.80 -31.46 -11.04
CA LEU C 150 32.94 -31.01 -12.43
C LEU C 150 31.61 -30.97 -13.19
N SER C 151 30.72 -31.94 -12.94
CA SER C 151 29.39 -31.95 -13.57
C SER C 151 28.52 -30.79 -13.07
N LEU C 152 28.65 -30.44 -11.79
CA LEU C 152 28.01 -29.25 -11.22
C LEU C 152 28.62 -27.97 -11.78
N LEU C 153 29.94 -27.96 -11.97
CA LEU C 153 30.62 -26.85 -12.62
C LEU C 153 30.22 -26.70 -14.08
N ASP C 154 30.00 -27.82 -14.77
CA ASP C 154 29.59 -27.81 -16.18
C ASP C 154 28.22 -27.15 -16.36
N LYS C 155 27.30 -27.42 -15.43
CA LYS C 155 26.00 -26.74 -15.40
C LYS C 155 26.16 -25.24 -15.27
N ILE C 156 26.96 -24.84 -14.28
CA ILE C 156 27.23 -23.41 -14.00
C ILE C 156 27.86 -22.70 -15.21
N TYR C 157 28.84 -23.33 -15.86
CA TYR C 157 29.52 -22.74 -17.01
C TYR C 157 28.61 -22.56 -18.24
N THR C 158 27.69 -23.50 -18.45
CA THR C 158 26.73 -23.46 -19.57
C THR C 158 25.38 -22.80 -19.26
N SER C 159 25.23 -22.26 -18.05
CA SER C 159 24.02 -21.50 -17.67
C SER C 159 23.97 -20.17 -18.42
N PRO C 160 22.75 -19.65 -18.73
CA PRO C 160 22.65 -18.32 -19.37
C PRO C 160 23.05 -17.16 -18.45
N LEU C 161 22.86 -17.32 -17.14
CA LEU C 161 23.37 -16.37 -16.14
C LEU C 161 24.90 -16.17 -16.28
N CYS C 162 25.62 -17.25 -16.56
CA CYS C 162 27.06 -17.20 -16.79
C CYS C 162 27.38 -16.66 -18.20
N ASP D 1 -19.96 6.68 -8.60
CA ASP D 1 -18.60 7.19 -8.26
C ASP D 1 -17.58 6.04 -8.23
N ILE D 2 -16.62 6.04 -9.15
CA ILE D 2 -15.58 5.01 -9.19
C ILE D 2 -14.41 5.42 -8.30
N GLN D 3 -14.11 4.61 -7.27
CA GLN D 3 -12.95 4.82 -6.39
C GLN D 3 -11.73 4.17 -7.02
N MET D 4 -10.61 4.91 -7.05
CA MET D 4 -9.32 4.40 -7.53
C MET D 4 -8.35 4.21 -6.36
N THR D 5 -7.96 2.97 -6.08
CA THR D 5 -7.02 2.67 -5.00
C THR D 5 -5.61 2.47 -5.53
N GLN D 6 -4.71 3.40 -5.21
CA GLN D 6 -3.34 3.38 -5.70
C GLN D 6 -2.40 2.83 -4.64
N SER D 7 -1.47 1.95 -5.01
CA SER D 7 -0.58 1.30 -4.04
C SER D 7 0.85 1.09 -4.59
N PRO D 8 1.89 1.24 -3.77
CA PRO D 8 1.82 1.84 -2.44
C PRO D 8 1.72 3.37 -2.56
N SER D 9 1.46 4.07 -1.45
CA SER D 9 1.48 5.54 -1.47
C SER D 9 2.91 6.10 -1.45
N THR D 10 3.87 5.26 -1.04
CA THR D 10 5.26 5.64 -0.92
C THR D 10 6.14 4.46 -1.31
N LEU D 11 7.23 4.75 -2.03
CA LEU D 11 8.33 3.80 -2.18
C LEU D 11 9.62 4.56 -2.44
N SER D 12 10.73 4.06 -1.93
CA SER D 12 12.05 4.62 -2.24
C SER D 12 12.85 3.63 -3.07
N ALA D 13 13.53 4.15 -4.09
CA ALA D 13 14.28 3.34 -5.04
C ALA D 13 15.61 3.99 -5.35
N SER D 14 16.43 3.31 -6.13
CA SER D 14 17.71 3.82 -6.62
C SER D 14 17.69 3.97 -8.13
N VAL D 15 18.67 4.69 -8.66
CA VAL D 15 18.85 4.80 -10.10
C VAL D 15 19.22 3.42 -10.66
N GLY D 16 18.51 3.00 -11.70
CA GLY D 16 18.67 1.67 -12.31
C GLY D 16 17.58 0.68 -11.93
N ASP D 17 16.97 0.89 -10.75
CA ASP D 17 15.97 -0.05 -10.22
C ASP D 17 14.68 -0.03 -11.02
N ARG D 18 13.94 -1.13 -10.94
CA ARG D 18 12.59 -1.24 -11.51
C ARG D 18 11.60 -0.74 -10.47
N VAL D 19 10.54 -0.06 -10.93
CA VAL D 19 9.50 0.48 -10.05
C VAL D 19 8.12 0.17 -10.62
N THR D 20 7.28 -0.49 -9.82
CA THR D 20 5.94 -0.91 -10.23
C THR D 20 4.91 -0.30 -9.29
N ILE D 21 4.03 0.51 -9.86
CA ILE D 21 2.93 1.15 -9.14
C ILE D 21 1.60 0.53 -9.61
N THR D 22 0.91 -0.13 -8.69
CA THR D 22 -0.40 -0.72 -8.95
C THR D 22 -1.51 0.30 -8.68
N CYS D 23 -2.61 0.18 -9.41
CA CYS D 23 -3.80 1.02 -9.23
C CYS D 23 -5.03 0.18 -9.58
N ARG D 24 -6.05 0.23 -8.72
CA ARG D 24 -7.24 -0.64 -8.84
C ARG D 24 -8.55 0.13 -8.71
N ALA D 25 -9.48 -0.17 -9.61
CA ALA D 25 -10.80 0.46 -9.68
C ALA D 25 -11.89 -0.39 -9.02
N SER D 26 -12.79 0.28 -8.28
CA SER D 26 -13.89 -0.38 -7.57
C SER D 26 -14.91 -1.03 -8.50
N GLN D 27 -14.97 -0.59 -9.76
CA GLN D 27 -15.69 -1.31 -10.80
C GLN D 27 -14.94 -1.18 -12.11
N SER D 28 -15.33 -2.00 -13.08
CA SER D 28 -14.62 -2.10 -14.37
C SER D 28 -14.54 -0.74 -15.07
N ILE D 29 -13.39 -0.45 -15.68
CA ILE D 29 -13.21 0.77 -16.48
C ILE D 29 -12.58 0.44 -17.83
N SER D 30 -12.82 -0.78 -18.31
CA SER D 30 -12.18 -1.31 -19.54
C SER D 30 -10.70 -0.94 -19.59
N SER D 31 -10.26 -0.21 -20.62
CA SER D 31 -8.87 0.23 -20.72
C SER D 31 -8.78 1.76 -20.54
N TRP D 32 -9.80 2.37 -19.95
CA TRP D 32 -9.91 3.84 -19.89
C TRP D 32 -9.25 4.37 -18.62
N LEU D 33 -7.93 4.23 -18.57
CA LEU D 33 -7.11 4.71 -17.45
C LEU D 33 -5.90 5.46 -17.98
N ALA D 34 -5.53 6.54 -17.29
CA ALA D 34 -4.38 7.35 -17.66
C ALA D 34 -3.43 7.46 -16.47
N TRP D 35 -2.16 7.72 -16.77
CA TRP D 35 -1.09 7.88 -15.77
C TRP D 35 -0.39 9.23 -15.91
N TYR D 36 -0.08 9.85 -14.77
CA TYR D 36 0.58 11.16 -14.74
C TYR D 36 1.81 11.15 -13.85
N GLN D 37 2.73 12.07 -14.15
CA GLN D 37 3.90 12.37 -13.33
C GLN D 37 3.80 13.82 -12.89
N GLN D 38 4.07 14.08 -11.61
CA GLN D 38 4.08 15.44 -11.09
C GLN D 38 5.32 15.68 -10.25
N LYS D 39 6.05 16.75 -10.58
CA LYS D 39 7.22 17.20 -9.82
C LYS D 39 6.78 18.37 -8.93
N PRO D 40 7.54 18.66 -7.84
CA PRO D 40 7.20 19.78 -6.95
C PRO D 40 7.00 21.12 -7.69
N GLY D 41 5.89 21.80 -7.40
CA GLY D 41 5.60 23.13 -7.95
C GLY D 41 5.22 23.20 -9.42
N LYS D 42 4.86 22.07 -10.02
CA LYS D 42 4.55 21.97 -11.44
C LYS D 42 3.25 21.23 -11.69
N ALA D 43 2.65 21.48 -12.84
CA ALA D 43 1.47 20.76 -13.28
C ALA D 43 1.84 19.33 -13.61
N PRO D 44 0.87 18.40 -13.51
CA PRO D 44 1.13 17.03 -13.98
C PRO D 44 1.40 16.94 -15.48
N LYS D 45 2.11 15.88 -15.87
CA LYS D 45 2.38 15.60 -17.27
C LYS D 45 1.83 14.20 -17.56
N LEU D 46 1.15 14.04 -18.69
CA LEU D 46 0.59 12.74 -19.08
C LEU D 46 1.71 11.81 -19.56
N LEU D 47 1.69 10.57 -19.07
CA LEU D 47 2.63 9.52 -19.46
C LEU D 47 1.95 8.47 -20.35
N ILE D 48 0.87 7.90 -19.82
CA ILE D 48 0.11 6.82 -20.47
C ILE D 48 -1.35 7.23 -20.56
N TYR D 49 -2.00 6.90 -21.68
CA TYR D 49 -3.45 6.95 -21.78
C TYR D 49 -3.90 5.59 -22.29
N LYS D 50 -5.19 5.29 -22.10
CA LYS D 50 -5.77 4.03 -22.59
C LYS D 50 -5.04 2.81 -22.04
N ALA D 51 -4.66 2.88 -20.75
CA ALA D 51 -4.00 1.79 -20.00
C ALA D 51 -2.53 1.52 -20.35
N SER D 52 -2.22 1.38 -21.65
CA SER D 52 -0.87 1.06 -22.11
C SER D 52 -0.28 1.94 -23.23
N SER D 53 -1.02 2.93 -23.74
CA SER D 53 -0.53 3.74 -24.86
C SER D 53 0.33 4.89 -24.36
N LEU D 54 1.55 4.99 -24.88
CA LEU D 54 2.54 5.96 -24.42
C LEU D 54 2.29 7.30 -25.11
N GLU D 55 2.18 8.39 -24.33
CA GLU D 55 2.06 9.75 -24.90
C GLU D 55 3.37 10.14 -25.61
N SER D 56 3.28 10.89 -26.70
CA SER D 56 4.45 11.24 -27.52
C SER D 56 5.43 12.12 -26.74
N GLY D 57 6.71 11.78 -26.81
CA GLY D 57 7.77 12.43 -26.04
C GLY D 57 8.18 11.67 -24.79
N VAL D 58 7.30 10.80 -24.28
CA VAL D 58 7.54 10.07 -23.03
C VAL D 58 8.51 8.93 -23.33
N PRO D 59 9.56 8.75 -22.50
CA PRO D 59 10.51 7.67 -22.77
C PRO D 59 9.91 6.26 -22.55
N SER D 60 10.42 5.29 -23.30
CA SER D 60 9.82 3.95 -23.37
C SER D 60 10.07 3.06 -22.15
N ARG D 61 10.95 3.48 -21.23
CA ARG D 61 11.07 2.81 -19.92
C ARG D 61 9.75 2.82 -19.12
N PHE D 62 8.92 3.85 -19.34
CA PHE D 62 7.54 3.85 -18.85
C PHE D 62 6.66 2.94 -19.70
N SER D 63 5.92 2.05 -19.03
CA SER D 63 4.89 1.24 -19.67
C SER D 63 3.73 1.02 -18.72
N GLY D 64 2.56 0.77 -19.30
CA GLY D 64 1.36 0.48 -18.54
C GLY D 64 0.78 -0.85 -18.96
N SER D 65 0.03 -1.50 -18.07
CA SER D 65 -0.70 -2.72 -18.40
C SER D 65 -1.88 -2.91 -17.47
N GLY D 66 -2.93 -3.56 -17.98
CA GLY D 66 -4.14 -3.83 -17.22
C GLY D 66 -5.42 -3.66 -18.00
N SER D 67 -6.47 -4.29 -17.50
CA SER D 67 -7.83 -4.16 -18.05
C SER D 67 -8.84 -4.44 -16.94
N GLY D 68 -10.03 -3.86 -17.06
CA GLY D 68 -11.10 -4.05 -16.08
C GLY D 68 -10.86 -3.28 -14.78
N THR D 69 -10.36 -3.97 -13.76
CA THR D 69 -10.28 -3.42 -12.43
C THR D 69 -8.86 -3.29 -11.86
N ASP D 70 -7.84 -3.66 -12.64
CA ASP D 70 -6.47 -3.81 -12.12
C ASP D 70 -5.45 -3.32 -13.16
N PHE D 71 -4.63 -2.34 -12.76
CA PHE D 71 -3.72 -1.63 -13.67
C PHE D 71 -2.36 -1.38 -13.02
N THR D 72 -1.32 -1.37 -13.86
CA THR D 72 0.08 -1.33 -13.43
C THR D 72 0.87 -0.30 -14.26
N LEU D 73 1.70 0.52 -13.59
CA LEU D 73 2.66 1.42 -14.25
C LEU D 73 4.05 0.98 -13.87
N THR D 74 4.81 0.49 -14.83
CA THR D 74 6.18 0.05 -14.58
C THR D 74 7.20 0.98 -15.22
N ILE D 75 8.21 1.35 -14.43
CA ILE D 75 9.42 2.04 -14.90
C ILE D 75 10.54 0.98 -14.93
N SER D 76 11.15 0.74 -16.10
CA SER D 76 12.16 -0.32 -16.25
C SER D 76 13.45 0.00 -15.51
N SER D 77 14.06 1.13 -15.87
CA SER D 77 15.38 1.55 -15.39
C SER D 77 15.27 3.01 -14.96
N LEU D 78 15.08 3.21 -13.66
CA LEU D 78 14.78 4.52 -13.08
C LEU D 78 15.94 5.51 -13.28
N ARG D 79 15.63 6.70 -13.81
CA ARG D 79 16.60 7.79 -13.99
C ARG D 79 16.37 8.85 -12.90
N PRO D 80 17.31 9.82 -12.74
CA PRO D 80 17.14 10.87 -11.71
C PRO D 80 15.90 11.75 -11.88
N GLU D 81 15.61 12.10 -13.13
CA GLU D 81 14.37 12.82 -13.50
C GLU D 81 13.05 12.15 -13.03
N ASP D 82 13.05 10.82 -12.91
CA ASP D 82 11.83 10.05 -12.59
C ASP D 82 11.38 10.06 -11.12
N PHE D 83 12.20 10.62 -10.23
CA PHE D 83 11.79 10.78 -8.83
C PHE D 83 10.74 11.87 -8.76
N ALA D 84 9.52 11.48 -8.40
CA ALA D 84 8.34 12.33 -8.54
C ALA D 84 7.17 11.67 -7.84
N THR D 85 6.01 12.32 -7.87
CA THR D 85 4.74 11.71 -7.47
C THR D 85 3.99 11.30 -8.74
N TYR D 86 3.33 10.13 -8.69
CA TYR D 86 2.63 9.56 -9.84
C TYR D 86 1.15 9.31 -9.51
N TYR D 87 0.26 9.56 -10.48
CA TYR D 87 -1.20 9.46 -10.29
C TYR D 87 -1.88 8.67 -11.41
N CYS D 88 -2.81 7.79 -11.05
CA CYS D 88 -3.73 7.18 -12.03
C CYS D 88 -5.03 7.96 -12.04
N GLN D 89 -5.76 7.86 -13.16
CA GLN D 89 -7.03 8.56 -13.36
C GLN D 89 -7.89 7.82 -14.36
N GLN D 90 -9.10 7.45 -13.95
CA GLN D 90 -10.05 6.79 -14.84
C GLN D 90 -10.84 7.84 -15.60
N TYR D 91 -11.10 7.57 -16.88
CA TYR D 91 -12.03 8.37 -17.67
C TYR D 91 -13.09 7.48 -18.34
N ASN D 92 -13.43 6.38 -17.67
CA ASN D 92 -14.53 5.52 -18.10
C ASN D 92 -15.87 6.26 -18.02
N SER D 93 -16.06 6.99 -16.93
CA SER D 93 -17.29 7.73 -16.75
C SER D 93 -17.09 8.88 -15.80
N TYR D 94 -18.06 9.79 -15.80
CA TYR D 94 -18.08 10.92 -14.86
C TYR D 94 -18.71 10.47 -13.54
N PRO D 95 -18.31 11.05 -12.40
CA PRO D 95 -17.21 12.00 -12.32
C PRO D 95 -15.85 11.34 -12.56
N LEU D 96 -14.91 12.12 -13.09
CA LEU D 96 -13.55 11.65 -13.33
C LEU D 96 -12.85 11.60 -11.98
N THR D 97 -12.13 10.51 -11.73
CA THR D 97 -11.56 10.26 -10.40
C THR D 97 -10.11 9.85 -10.50
N PHE D 98 -9.32 10.31 -9.52
CA PHE D 98 -7.87 10.05 -9.45
C PHE D 98 -7.54 9.04 -8.37
N GLY D 99 -6.38 8.39 -8.51
CA GLY D 99 -5.79 7.65 -7.41
C GLY D 99 -5.19 8.61 -6.39
N GLY D 100 -4.90 8.10 -5.20
CA GLY D 100 -4.32 8.91 -4.13
C GLY D 100 -2.92 9.46 -4.36
N GLY D 101 -2.16 8.83 -5.25
CA GLY D 101 -0.79 9.23 -5.58
C GLY D 101 0.21 8.23 -5.04
N THR D 102 1.36 8.14 -5.71
CA THR D 102 2.51 7.37 -5.23
C THR D 102 3.76 8.24 -5.33
N LYS D 103 4.42 8.45 -4.20
CA LYS D 103 5.65 9.23 -4.13
C LYS D 103 6.81 8.27 -4.35
N VAL D 104 7.64 8.53 -5.37
CA VAL D 104 8.85 7.76 -5.61
C VAL D 104 10.02 8.61 -5.08
N GLU D 105 10.74 8.06 -4.10
CA GLU D 105 11.78 8.78 -3.37
C GLU D 105 13.15 8.13 -3.53
N ILE D 106 14.18 8.91 -3.23
CA ILE D 106 15.58 8.50 -3.42
C ILE D 106 16.01 7.63 -2.24
N LYS D 107 16.36 6.38 -2.51
CA LYS D 107 16.84 5.47 -1.49
C LYS D 107 18.28 5.82 -1.09
N ARG D 108 18.54 5.81 0.21
CA ARG D 108 19.87 6.05 0.76
C ARG D 108 20.07 5.19 2.00
N THR D 109 21.27 5.23 2.58
CA THR D 109 21.54 4.47 3.80
C THR D 109 20.80 5.07 4.99
N VAL D 110 20.54 4.23 5.98
CA VAL D 110 19.83 4.66 7.20
C VAL D 110 20.66 5.74 7.90
N ALA D 111 20.00 6.76 8.43
CA ALA D 111 20.64 7.86 9.12
C ALA D 111 19.82 8.27 10.33
N ALA D 112 20.46 8.34 11.49
CA ALA D 112 19.80 8.76 12.73
C ALA D 112 19.66 10.29 12.78
N PRO D 113 18.56 10.79 13.38
CA PRO D 113 18.39 12.23 13.52
C PRO D 113 19.23 12.80 14.66
N SER D 114 19.73 14.02 14.49
CA SER D 114 20.27 14.81 15.59
C SER D 114 19.09 15.50 16.25
N VAL D 115 18.81 15.17 17.51
CA VAL D 115 17.66 15.72 18.21
C VAL D 115 18.07 16.98 18.98
N PHE D 116 17.27 18.03 18.87
CA PHE D 116 17.42 19.25 19.66
C PHE D 116 16.06 19.63 20.23
N ILE D 117 16.07 20.45 21.28
CA ILE D 117 14.85 20.99 21.87
C ILE D 117 15.05 22.46 22.23
N PHE D 118 14.00 23.25 22.04
CA PHE D 118 14.06 24.69 22.18
C PHE D 118 12.99 25.14 23.17
N PRO D 119 13.40 25.76 24.30
CA PRO D 119 12.38 26.32 25.20
C PRO D 119 11.68 27.53 24.58
N PRO D 120 10.43 27.81 24.98
CA PRO D 120 9.78 29.02 24.48
C PRO D 120 10.49 30.27 25.00
N SER D 121 10.64 31.28 24.14
CA SER D 121 11.39 32.48 24.48
C SER D 121 10.66 33.34 25.53
N ASP D 122 11.42 34.17 26.24
CA ASP D 122 10.86 35.12 27.21
C ASP D 122 9.95 36.16 26.53
N GLU D 123 10.20 36.43 25.24
CA GLU D 123 9.36 37.33 24.46
C GLU D 123 7.98 36.75 24.18
N GLN D 124 7.93 35.51 23.74
CA GLN D 124 6.64 34.82 23.45
C GLN D 124 5.81 34.66 24.73
N LEU D 125 6.46 34.25 25.82
CA LEU D 125 5.80 34.10 27.13
C LEU D 125 5.10 35.38 27.61
N LYS D 126 5.69 36.54 27.30
CA LYS D 126 5.09 37.83 27.65
C LYS D 126 3.82 38.15 26.85
N SER D 127 3.75 37.68 25.60
CA SER D 127 2.51 37.78 24.79
C SER D 127 1.40 36.85 25.27
N GLY D 128 1.76 35.80 26.02
CA GLY D 128 0.79 34.94 26.72
C GLY D 128 0.59 33.54 26.16
N THR D 129 1.51 33.08 25.30
CA THR D 129 1.45 31.74 24.71
C THR D 129 2.84 31.11 24.81
N ALA D 130 2.90 29.78 24.84
CA ALA D 130 4.17 29.05 24.95
C ALA D 130 4.25 27.92 23.91
N SER D 131 5.23 28.02 23.01
CA SER D 131 5.48 27.01 21.99
C SER D 131 6.85 26.38 22.26
N VAL D 132 6.85 25.10 22.64
CA VAL D 132 8.07 24.31 22.77
C VAL D 132 8.21 23.54 21.48
N VAL D 133 9.38 23.62 20.83
CA VAL D 133 9.60 22.92 19.57
C VAL D 133 10.77 21.93 19.69
N CYS D 134 10.62 20.78 19.03
CA CYS D 134 11.57 19.68 19.06
C CYS D 134 11.99 19.41 17.61
N LEU D 135 13.28 19.56 17.33
CA LEU D 135 13.84 19.36 15.99
C LEU D 135 14.42 17.95 15.84
N LEU D 136 14.16 17.30 14.70
CA LEU D 136 14.86 16.09 14.28
C LEU D 136 15.58 16.38 12.97
N ASN D 137 16.90 16.54 13.03
CA ASN D 137 17.68 17.03 11.90
C ASN D 137 18.36 15.91 11.12
N ASN D 138 18.16 15.87 9.80
CA ASN D 138 18.91 15.02 8.86
C ASN D 138 18.87 13.51 9.14
N PHE D 139 17.77 12.87 8.73
CA PHE D 139 17.56 11.44 8.99
C PHE D 139 16.92 10.71 7.81
N TYR D 140 16.90 9.38 7.90
CA TYR D 140 16.28 8.52 6.88
C TYR D 140 16.03 7.11 7.48
N PRO D 141 14.86 6.49 7.25
CA PRO D 141 13.73 7.00 6.44
C PRO D 141 12.86 8.02 7.18
N ARG D 142 11.73 8.40 6.60
CA ARG D 142 10.83 9.40 7.22
C ARG D 142 10.13 8.90 8.48
N GLU D 143 9.81 7.60 8.51
CA GLU D 143 9.08 7.00 9.64
C GLU D 143 9.83 7.30 10.94
N ALA D 144 9.18 8.09 11.80
CA ALA D 144 9.77 8.50 13.08
C ALA D 144 8.69 8.88 14.08
N LYS D 145 8.85 8.41 15.33
CA LYS D 145 7.93 8.64 16.44
C LYS D 145 8.46 9.78 17.29
N VAL D 146 7.58 10.70 17.71
CA VAL D 146 7.97 11.85 18.53
C VAL D 146 6.93 12.08 19.64
N GLN D 147 7.24 11.60 20.85
CA GLN D 147 6.36 11.72 22.02
C GLN D 147 6.75 12.96 22.84
N TRP D 148 5.75 13.67 23.36
CA TRP D 148 5.97 14.78 24.29
C TRP D 148 5.52 14.35 25.70
N LYS D 149 6.32 14.74 26.71
CA LYS D 149 5.98 14.47 28.12
C LYS D 149 6.26 15.72 28.97
N VAL D 150 5.27 16.10 29.78
CA VAL D 150 5.40 17.22 30.73
C VAL D 150 5.22 16.66 32.15
N ASP D 151 6.33 16.60 32.90
CA ASP D 151 6.39 15.89 34.20
C ASP D 151 5.99 14.41 34.04
N ASN D 152 6.50 13.77 32.98
CA ASN D 152 6.16 12.38 32.62
C ASN D 152 4.70 12.11 32.18
N ALA D 153 3.90 13.17 31.97
CA ALA D 153 2.53 13.03 31.47
C ALA D 153 2.55 12.98 29.93
N LEU D 154 2.32 11.79 29.37
CA LEU D 154 2.36 11.57 27.92
C LEU D 154 1.28 12.37 27.21
N GLN D 155 1.71 13.28 26.33
CA GLN D 155 0.83 14.26 25.69
C GLN D 155 0.25 13.76 24.36
N SER D 156 -0.92 14.30 24.01
CA SER D 156 -1.53 14.10 22.69
C SER D 156 -2.61 15.14 22.42
N GLY D 157 -2.78 15.52 21.14
CA GLY D 157 -3.79 16.49 20.72
C GLY D 157 -3.46 17.97 20.90
N ASN D 158 -2.23 18.28 21.33
CA ASN D 158 -1.79 19.66 21.56
C ASN D 158 -0.42 19.94 20.93
N SER D 159 -0.15 19.27 19.81
CA SER D 159 1.09 19.43 19.07
C SER D 159 0.88 19.02 17.61
N GLN D 160 1.49 19.76 16.70
CA GLN D 160 1.51 19.44 15.27
C GLN D 160 2.94 19.30 14.83
N GLU D 161 3.13 18.62 13.70
CA GLU D 161 4.47 18.42 13.16
C GLU D 161 4.56 18.66 11.66
N SER D 162 5.71 19.16 11.23
CA SER D 162 5.99 19.43 9.81
C SER D 162 7.27 18.69 9.43
N VAL D 163 7.31 18.21 8.18
CA VAL D 163 8.46 17.46 7.66
C VAL D 163 8.87 18.08 6.32
N THR D 164 10.17 18.28 6.12
CA THR D 164 10.68 18.72 4.81
C THR D 164 10.63 17.56 3.81
N GLU D 165 10.77 17.89 2.53
CA GLU D 165 11.02 16.86 1.52
C GLU D 165 12.50 16.51 1.55
N GLN D 166 12.89 15.47 0.82
CA GLN D 166 14.28 15.02 0.80
C GLN D 166 15.20 16.16 0.41
N ASP D 167 16.25 16.36 1.21
CA ASP D 167 17.24 17.40 0.94
C ASP D 167 17.96 17.09 -0.37
N SER D 168 18.25 18.14 -1.15
CA SER D 168 18.94 17.99 -2.44
C SER D 168 20.39 17.50 -2.28
N LYS D 169 21.03 17.81 -1.14
CA LYS D 169 22.44 17.46 -0.90
C LYS D 169 22.59 15.97 -0.61
N ASP D 170 21.81 15.47 0.35
CA ASP D 170 22.04 14.16 0.97
C ASP D 170 20.80 13.24 1.11
N SER D 171 19.69 13.58 0.44
CA SER D 171 18.46 12.77 0.44
C SER D 171 17.87 12.46 1.84
N THR D 172 18.12 13.34 2.81
CA THR D 172 17.62 13.16 4.17
C THR D 172 16.41 14.04 4.41
N TYR D 173 15.65 13.68 5.44
CA TYR D 173 14.53 14.48 5.92
C TYR D 173 14.93 15.23 7.18
N SER D 174 14.13 16.23 7.50
CA SER D 174 14.16 16.89 8.80
C SER D 174 12.71 17.11 9.24
N LEU D 175 12.45 16.99 10.53
CA LEU D 175 11.10 17.11 11.08
C LEU D 175 11.13 18.08 12.26
N SER D 176 10.02 18.79 12.47
CA SER D 176 9.82 19.58 13.69
C SER D 176 8.49 19.20 14.33
N SER D 177 8.47 19.11 15.65
CA SER D 177 7.25 18.89 16.43
C SER D 177 7.11 20.07 17.37
N THR D 178 5.92 20.66 17.42
CA THR D 178 5.71 21.91 18.13
C THR D 178 4.56 21.80 19.14
N LEU D 179 4.92 21.67 20.41
CA LEU D 179 3.97 21.63 21.52
C LEU D 179 3.55 23.06 21.87
N THR D 180 2.25 23.37 21.73
CA THR D 180 1.71 24.71 22.01
C THR D 180 0.80 24.69 23.24
N LEU D 181 1.14 25.51 24.24
CA LEU D 181 0.37 25.67 25.48
C LEU D 181 0.09 27.15 25.74
N SER D 182 -0.82 27.42 26.67
CA SER D 182 -1.01 28.75 27.21
C SER D 182 0.10 29.04 28.21
N LYS D 183 0.32 30.33 28.49
CA LYS D 183 1.33 30.75 29.48
C LYS D 183 1.01 30.20 30.87
N ALA D 184 -0.28 30.21 31.24
CA ALA D 184 -0.73 29.69 32.53
C ALA D 184 -0.46 28.20 32.70
N ASP D 185 -0.87 27.39 31.72
CA ASP D 185 -0.60 25.94 31.75
C ASP D 185 0.89 25.60 31.66
N TYR D 186 1.65 26.40 30.90
CA TYR D 186 3.10 26.21 30.76
C TYR D 186 3.81 26.30 32.11
N GLU D 187 3.48 27.33 32.90
CA GLU D 187 4.15 27.61 34.17
C GLU D 187 3.67 26.78 35.37
N LYS D 188 2.77 25.82 35.12
CA LYS D 188 2.30 24.88 36.16
C LYS D 188 3.02 23.52 36.10
N HIS D 189 3.94 23.36 35.15
CA HIS D 189 4.76 22.15 35.02
C HIS D 189 6.23 22.56 34.87
N LYS D 190 7.15 21.75 35.39
CA LYS D 190 8.59 22.08 35.39
C LYS D 190 9.34 21.48 34.19
N VAL D 191 9.32 20.15 34.07
CA VAL D 191 10.17 19.43 33.11
C VAL D 191 9.43 19.11 31.80
N TYR D 192 10.06 19.47 30.67
CA TYR D 192 9.51 19.25 29.33
C TYR D 192 10.52 18.44 28.54
N ALA D 193 10.05 17.39 27.87
CA ALA D 193 10.93 16.49 27.09
C ALA D 193 10.25 16.00 25.82
N CYS D 194 11.05 15.77 24.76
CA CYS D 194 10.59 15.08 23.55
C CYS D 194 11.38 13.80 23.32
N GLU D 195 10.66 12.69 23.19
CA GLU D 195 11.25 11.35 23.07
C GLU D 195 11.15 10.90 21.62
N VAL D 196 12.29 10.75 20.96
CA VAL D 196 12.36 10.43 19.54
C VAL D 196 12.79 8.96 19.35
N THR D 197 11.88 8.14 18.81
CA THR D 197 12.19 6.76 18.42
C THR D 197 12.29 6.71 16.90
N HIS D 198 13.28 5.97 16.40
CA HIS D 198 13.59 5.95 14.97
C HIS D 198 14.43 4.72 14.63
N GLN D 199 14.27 4.22 13.41
CA GLN D 199 14.96 3.01 12.94
C GLN D 199 16.48 3.08 13.13
N GLY D 200 17.06 4.23 12.80
CA GLY D 200 18.51 4.46 12.95
C GLY D 200 19.08 4.59 14.36
N LEU D 201 18.22 4.59 15.39
CA LEU D 201 18.63 4.62 16.79
C LEU D 201 18.33 3.28 17.47
N SER D 202 19.29 2.75 18.22
CA SER D 202 19.10 1.47 18.94
C SER D 202 18.21 1.62 20.17
N SER D 203 18.33 2.75 20.87
CA SER D 203 17.41 3.13 21.96
C SER D 203 16.70 4.44 21.62
N PRO D 204 15.55 4.73 22.25
CA PRO D 204 14.90 6.02 22.01
C PRO D 204 15.64 7.17 22.71
N VAL D 205 15.97 8.22 21.95
CA VAL D 205 16.66 9.40 22.47
C VAL D 205 15.64 10.35 23.11
N THR D 206 15.95 10.81 24.32
CA THR D 206 15.18 11.84 25.00
C THR D 206 16.00 13.14 25.04
N LYS D 207 15.30 14.26 25.03
CA LYS D 207 15.91 15.58 25.02
C LYS D 207 14.98 16.50 25.80
N SER D 208 15.48 17.15 26.87
CA SER D 208 14.62 17.86 27.83
C SER D 208 15.21 19.14 28.41
N PHE D 209 14.42 19.83 29.24
CA PHE D 209 14.88 20.98 30.03
C PHE D 209 13.90 21.29 31.17
N ASN D 210 14.36 22.07 32.15
CA ASN D 210 13.49 22.65 33.19
C ASN D 210 13.24 24.14 32.92
N ARG D 211 14.24 25.00 33.13
CA ARG D 211 14.24 26.44 32.77
C ARG D 211 15.53 27.13 33.20
N VAL E 2 0.43 24.70 -27.98
CA VAL E 2 -0.69 24.46 -27.02
C VAL E 2 -0.34 25.05 -25.65
N GLN E 3 -0.83 26.26 -25.38
CA GLN E 3 -0.63 26.93 -24.08
C GLN E 3 -1.98 27.16 -23.40
N LEU E 4 -2.00 26.94 -22.08
CA LEU E 4 -3.17 27.18 -21.23
C LEU E 4 -2.70 28.07 -20.06
N VAL E 5 -3.33 29.24 -19.89
CA VAL E 5 -2.90 30.23 -18.90
C VAL E 5 -4.04 30.63 -17.97
N GLU E 6 -3.98 30.17 -16.71
CA GLU E 6 -4.99 30.53 -15.71
C GLU E 6 -4.76 31.92 -15.14
N SER E 7 -5.83 32.51 -14.62
CA SER E 7 -5.77 33.77 -13.88
C SER E 7 -7.01 33.93 -13.02
N GLY E 8 -7.02 34.96 -12.17
CA GLY E 8 -8.18 35.29 -11.35
C GLY E 8 -8.15 34.77 -9.92
N GLY E 9 -7.25 33.83 -9.62
CA GLY E 9 -7.12 33.31 -8.26
C GLY E 9 -6.58 34.35 -7.29
N GLY E 10 -6.69 34.06 -5.99
CA GLY E 10 -6.28 35.00 -4.94
C GLY E 10 -6.91 34.66 -3.61
N LEU E 11 -7.08 35.67 -2.76
CA LEU E 11 -7.68 35.48 -1.43
C LEU E 11 -9.17 35.74 -1.45
N VAL E 12 -9.92 34.91 -0.72
CA VAL E 12 -11.36 35.04 -0.56
C VAL E 12 -11.75 34.65 0.85
N GLN E 13 -12.84 35.24 1.35
CA GLN E 13 -13.41 34.84 2.63
C GLN E 13 -14.44 33.73 2.43
N PRO E 14 -14.71 32.94 3.50
CA PRO E 14 -15.69 31.87 3.33
C PRO E 14 -17.09 32.45 3.12
N GLY E 15 -17.77 31.99 2.06
CA GLY E 15 -19.04 32.58 1.63
C GLY E 15 -18.92 33.41 0.37
N GLY E 16 -17.73 33.96 0.10
CA GLY E 16 -17.49 34.86 -1.04
C GLY E 16 -17.25 34.18 -2.38
N SER E 17 -16.86 35.00 -3.38
CA SER E 17 -16.83 34.59 -4.78
C SER E 17 -15.51 34.86 -5.50
N LEU E 18 -15.31 34.11 -6.59
CA LEU E 18 -14.16 34.22 -7.47
C LEU E 18 -14.53 33.74 -8.87
N ARG E 19 -13.95 34.37 -9.89
CA ARG E 19 -14.11 33.97 -11.28
C ARG E 19 -12.72 33.64 -11.78
N LEU E 20 -12.48 32.37 -12.14
CA LEU E 20 -11.22 31.96 -12.77
C LEU E 20 -11.34 32.01 -14.29
N SER E 21 -10.23 32.33 -14.95
CA SER E 21 -10.14 32.39 -16.41
C SER E 21 -9.03 31.49 -16.90
N CYS E 22 -9.16 30.97 -18.12
CA CYS E 22 -8.12 30.17 -18.75
C CYS E 22 -8.12 30.44 -20.26
N ALA E 23 -7.17 31.27 -20.69
CA ALA E 23 -6.99 31.57 -22.11
C ALA E 23 -6.23 30.41 -22.76
N ALA E 24 -6.85 29.81 -23.78
CA ALA E 24 -6.28 28.68 -24.50
C ALA E 24 -5.85 29.10 -25.90
N SER E 25 -4.86 28.38 -26.42
CA SER E 25 -4.35 28.61 -27.77
C SER E 25 -3.57 27.38 -28.23
N GLY E 26 -3.31 27.30 -29.53
CA GLY E 26 -2.55 26.21 -30.13
C GLY E 26 -3.37 25.01 -30.59
N PHE E 27 -4.70 25.09 -30.47
CA PHE E 27 -5.60 24.02 -30.92
C PHE E 27 -7.01 24.57 -31.09
N THR E 28 -7.85 23.89 -31.86
CA THR E 28 -9.23 24.34 -32.06
C THR E 28 -10.01 24.07 -30.79
N PHE E 29 -10.17 25.12 -29.98
CA PHE E 29 -10.80 25.08 -28.67
C PHE E 29 -12.17 24.39 -28.68
N SER E 30 -13.03 24.82 -29.59
CA SER E 30 -14.45 24.41 -29.64
C SER E 30 -14.72 22.92 -29.92
N SER E 31 -13.73 22.19 -30.43
CA SER E 31 -13.88 20.75 -30.69
C SER E 31 -13.76 19.85 -29.45
N TYR E 32 -13.21 20.41 -28.36
CA TYR E 32 -12.83 19.61 -27.19
C TYR E 32 -13.48 20.04 -25.89
N ALA E 33 -13.76 19.06 -25.03
CA ALA E 33 -14.20 19.31 -23.67
C ALA E 33 -13.02 19.79 -22.82
N MET E 34 -13.27 20.79 -21.98
CA MET E 34 -12.26 21.31 -21.04
C MET E 34 -12.71 20.98 -19.62
N SER E 35 -11.75 20.71 -18.74
CA SER E 35 -12.03 20.49 -17.32
C SER E 35 -11.29 21.48 -16.43
N TRP E 36 -11.70 21.53 -15.17
CA TRP E 36 -10.93 22.18 -14.11
C TRP E 36 -10.61 21.08 -13.09
N VAL E 37 -9.32 21.00 -12.72
CA VAL E 37 -8.83 20.05 -11.72
C VAL E 37 -8.17 20.87 -10.61
N ARG E 38 -8.24 20.41 -9.38
CA ARG E 38 -7.65 21.13 -8.25
C ARG E 38 -6.81 20.24 -7.34
N GLN E 39 -6.02 20.91 -6.52
CA GLN E 39 -5.11 20.26 -5.60
C GLN E 39 -4.89 21.11 -4.35
N ALA E 40 -5.37 20.62 -3.20
CA ALA E 40 -5.14 21.28 -1.92
C ALA E 40 -3.67 21.10 -1.50
N PRO E 41 -3.15 21.97 -0.59
CA PRO E 41 -1.76 21.83 -0.15
C PRO E 41 -1.44 20.42 0.36
N GLY E 42 -0.39 19.80 -0.20
CA GLY E 42 0.03 18.45 0.15
C GLY E 42 -1.01 17.34 0.04
N LYS E 43 -1.99 17.49 -0.87
CA LYS E 43 -3.02 16.48 -1.12
C LYS E 43 -3.00 16.09 -2.59
N GLY E 44 -3.81 15.11 -2.95
CA GLY E 44 -3.87 14.62 -4.32
C GLY E 44 -4.66 15.51 -5.28
N LEU E 45 -4.81 15.02 -6.50
CA LEU E 45 -5.57 15.71 -7.54
C LEU E 45 -7.05 15.40 -7.37
N GLU E 46 -7.90 16.36 -7.76
CA GLU E 46 -9.36 16.23 -7.66
C GLU E 46 -10.05 16.96 -8.81
N TRP E 47 -10.76 16.20 -9.66
CA TRP E 47 -11.55 16.79 -10.75
C TRP E 47 -12.73 17.56 -10.16
N VAL E 48 -12.91 18.81 -10.61
CA VAL E 48 -13.96 19.69 -10.06
C VAL E 48 -15.11 19.92 -11.04
N SER E 49 -14.80 20.12 -12.33
CA SER E 49 -15.82 20.44 -13.33
C SER E 49 -15.35 20.21 -14.75
N ALA E 50 -16.30 20.00 -15.65
CA ALA E 50 -16.04 19.89 -17.09
C ALA E 50 -17.16 20.50 -17.88
N ILE E 51 -16.85 20.90 -19.11
CA ILE E 51 -17.84 21.49 -20.00
C ILE E 51 -17.56 21.03 -21.43
N SER E 52 -18.61 20.77 -22.20
CA SER E 52 -18.48 20.20 -23.55
C SER E 52 -17.96 21.26 -24.52
N GLY E 53 -17.64 20.81 -25.74
CA GLY E 53 -17.04 21.66 -26.78
C GLY E 53 -17.74 22.99 -27.02
N ARG E 54 -19.05 22.93 -27.27
CA ARG E 54 -19.84 24.13 -27.53
C ARG E 54 -20.56 24.63 -26.29
N GLY E 55 -20.42 23.92 -25.18
CA GLY E 55 -20.89 24.40 -23.89
C GLY E 55 -22.34 24.09 -23.57
N TYR E 56 -22.93 23.17 -24.32
CA TYR E 56 -24.33 22.80 -24.11
C TYR E 56 -24.52 21.95 -22.85
N ASN E 57 -23.45 21.28 -22.39
CA ASN E 57 -23.49 20.44 -21.18
C ASN E 57 -22.26 20.60 -20.31
N ALA E 58 -22.46 20.44 -19.02
CA ALA E 58 -21.39 20.52 -18.03
C ALA E 58 -21.66 19.53 -16.92
N ASP E 59 -20.61 19.08 -16.23
CA ASP E 59 -20.77 18.25 -15.04
C ASP E 59 -19.86 18.78 -13.93
N TYR E 60 -20.21 18.47 -12.69
CA TYR E 60 -19.48 18.96 -11.52
C TYR E 60 -19.32 17.86 -10.49
N ALA E 61 -18.28 18.00 -9.68
CA ALA E 61 -18.12 17.20 -8.49
C ALA E 61 -19.24 17.54 -7.52
N ASP E 62 -19.78 16.53 -6.84
CA ASP E 62 -20.87 16.70 -5.87
C ASP E 62 -20.61 17.84 -4.87
N SER E 63 -19.40 17.92 -4.33
CA SER E 63 -19.04 18.94 -3.32
C SER E 63 -19.18 20.39 -3.80
N VAL E 64 -19.16 20.53 -5.13
CA VAL E 64 -19.09 21.81 -5.79
C VAL E 64 -20.37 22.13 -6.61
N LYS E 65 -21.26 21.15 -6.81
CA LYS E 65 -22.55 21.33 -7.53
C LYS E 65 -23.40 22.48 -6.97
N GLY E 66 -23.88 23.35 -7.86
CA GLY E 66 -24.73 24.46 -7.47
C GLY E 66 -23.99 25.70 -7.02
N ARG E 67 -22.78 25.55 -6.51
CA ARG E 67 -21.93 26.66 -6.11
C ARG E 67 -21.14 27.18 -7.30
N PHE E 68 -20.54 26.25 -8.04
CA PHE E 68 -19.65 26.58 -9.13
C PHE E 68 -20.44 26.57 -10.43
N THR E 69 -20.06 27.43 -11.36
CA THR E 69 -20.60 27.41 -12.72
C THR E 69 -19.44 27.47 -13.71
N ILE E 70 -19.29 26.43 -14.51
CA ILE E 70 -18.26 26.39 -15.55
C ILE E 70 -18.87 26.95 -16.82
N SER E 71 -18.08 27.67 -17.61
CA SER E 71 -18.53 28.18 -18.91
C SER E 71 -17.35 28.50 -19.82
N ARG E 72 -17.66 28.70 -21.11
CA ARG E 72 -16.63 29.00 -22.11
C ARG E 72 -17.12 30.02 -23.15
N ASP E 73 -16.17 30.79 -23.69
CA ASP E 73 -16.42 31.72 -24.79
C ASP E 73 -15.59 31.23 -25.97
N ASN E 74 -16.25 30.49 -26.88
CA ASN E 74 -15.56 29.87 -28.01
C ASN E 74 -15.03 30.85 -29.06
N SER E 75 -15.59 32.05 -29.12
CA SER E 75 -15.05 33.12 -29.98
C SER E 75 -13.72 33.69 -29.43
N LYS E 76 -13.57 33.70 -28.11
CA LYS E 76 -12.36 34.23 -27.44
C LYS E 76 -11.40 33.15 -26.93
N ASN E 77 -11.73 31.88 -27.16
CA ASN E 77 -10.93 30.74 -26.67
C ASN E 77 -10.59 30.83 -25.18
N THR E 78 -11.62 31.10 -24.37
CA THR E 78 -11.44 31.29 -22.94
C THR E 78 -12.41 30.40 -22.17
N LEU E 79 -11.89 29.75 -21.13
CA LEU E 79 -12.69 28.94 -20.22
C LEU E 79 -12.83 29.71 -18.91
N TYR E 80 -14.00 29.59 -18.28
CA TYR E 80 -14.30 30.27 -17.02
C TYR E 80 -14.78 29.30 -15.96
N LEU E 81 -14.62 29.72 -14.71
CA LEU E 81 -15.20 29.02 -13.56
C LEU E 81 -15.56 30.05 -12.52
N GLN E 82 -16.86 30.36 -12.44
CA GLN E 82 -17.40 31.20 -11.39
C GLN E 82 -17.54 30.33 -10.14
N MET E 83 -16.81 30.69 -9.09
CA MET E 83 -16.82 29.93 -7.84
C MET E 83 -17.53 30.77 -6.80
N ASN E 84 -18.69 30.32 -6.34
CA ASN E 84 -19.46 31.02 -5.31
C ASN E 84 -19.54 30.21 -4.03
N SER E 85 -19.94 30.88 -2.95
CA SER E 85 -20.03 30.28 -1.61
C SER E 85 -18.81 29.41 -1.30
N LEU E 86 -17.64 30.05 -1.36
CA LEU E 86 -16.36 29.35 -1.19
C LEU E 86 -16.14 28.93 0.25
N ARG E 87 -15.47 27.79 0.41
CA ARG E 87 -15.26 27.16 1.70
C ARG E 87 -13.76 26.93 1.93
N ALA E 88 -13.37 26.81 3.20
CA ALA E 88 -11.99 26.44 3.57
C ALA E 88 -11.49 25.23 2.76
N GLU E 89 -12.34 24.21 2.64
CA GLU E 89 -12.11 23.00 1.79
C GLU E 89 -11.67 23.30 0.34
N ASP E 90 -12.13 24.42 -0.23
CA ASP E 90 -11.84 24.78 -1.62
C ASP E 90 -10.46 25.40 -1.83
N THR E 91 -9.72 25.67 -0.75
CA THR E 91 -8.36 26.23 -0.85
C THR E 91 -7.48 25.26 -1.61
N ALA E 92 -6.93 25.71 -2.74
CA ALA E 92 -6.24 24.82 -3.67
C ALA E 92 -5.60 25.54 -4.86
N VAL E 93 -4.74 24.81 -5.57
CA VAL E 93 -4.26 25.22 -6.88
C VAL E 93 -5.30 24.69 -7.86
N TYR E 94 -5.85 25.58 -8.71
CA TYR E 94 -6.81 25.19 -9.76
C TYR E 94 -6.15 25.24 -11.13
N TYR E 95 -6.15 24.09 -11.82
CA TYR E 95 -5.65 23.96 -13.19
C TYR E 95 -6.81 23.81 -14.16
N CYS E 96 -6.74 24.44 -15.33
CA CYS E 96 -7.56 24.05 -16.48
C CYS E 96 -6.80 23.00 -17.27
N ALA E 97 -7.54 22.07 -17.87
CA ALA E 97 -6.96 20.95 -18.64
C ALA E 97 -7.80 20.63 -19.87
N LYS E 98 -7.12 20.29 -20.96
CA LYS E 98 -7.73 19.93 -22.25
C LYS E 98 -8.11 18.44 -22.23
N LEU E 99 -9.23 18.11 -22.86
CA LEU E 99 -9.69 16.73 -23.05
C LEU E 99 -10.21 16.08 -21.76
N GLU E 100 -10.45 14.76 -21.81
CA GLU E 100 -10.92 13.96 -20.69
C GLU E 100 -9.81 13.18 -19.98
N TYR E 101 -8.59 13.15 -20.56
CA TYR E 101 -7.43 12.60 -19.86
C TYR E 101 -6.18 13.49 -19.84
N PHE E 102 -6.35 14.81 -20.03
CA PHE E 102 -5.42 15.87 -19.57
C PHE E 102 -3.97 15.83 -20.10
N ASP E 103 -3.84 15.56 -21.39
CA ASP E 103 -2.56 15.71 -22.12
C ASP E 103 -1.81 17.03 -21.87
N TYR E 104 -2.53 18.14 -21.76
CA TYR E 104 -1.95 19.46 -21.52
C TYR E 104 -2.66 20.12 -20.34
N TRP E 105 -1.86 20.59 -19.37
CA TRP E 105 -2.34 21.35 -18.21
C TRP E 105 -1.80 22.77 -18.29
N GLY E 106 -2.44 23.67 -17.56
CA GLY E 106 -1.88 25.00 -17.30
C GLY E 106 -0.96 24.90 -16.09
N GLN E 107 -0.29 26.00 -15.76
CA GLN E 107 0.58 26.06 -14.57
C GLN E 107 -0.18 26.29 -13.23
N GLY E 108 -1.50 26.35 -13.29
CA GLY E 108 -2.31 26.52 -12.11
C GLY E 108 -2.45 27.97 -11.66
N THR E 109 -3.42 28.19 -10.78
CA THR E 109 -3.61 29.47 -10.09
C THR E 109 -4.12 29.14 -8.68
N LEU E 110 -3.52 29.75 -7.67
CA LEU E 110 -3.80 29.41 -6.27
C LEU E 110 -5.01 30.18 -5.76
N VAL E 111 -5.90 29.47 -5.06
CA VAL E 111 -7.08 30.06 -4.41
C VAL E 111 -7.03 29.72 -2.93
N THR E 112 -7.08 30.74 -2.07
CA THR E 112 -6.99 30.57 -0.63
C THR E 112 -8.24 31.15 0.02
N VAL E 113 -8.93 30.33 0.81
CA VAL E 113 -10.18 30.73 1.47
C VAL E 113 -9.96 30.78 2.98
N SER E 114 -10.06 31.97 3.56
CA SER E 114 -9.87 32.14 5.00
C SER E 114 -10.60 33.36 5.52
N SER E 115 -11.04 33.30 6.78
CA SER E 115 -11.61 34.46 7.48
C SER E 115 -10.59 35.56 7.75
N ALA E 116 -9.31 35.18 7.84
CA ALA E 116 -8.27 36.10 8.28
C ALA E 116 -7.97 37.20 7.28
N SER E 117 -7.64 38.38 7.81
CA SER E 117 -7.05 39.46 7.02
C SER E 117 -5.56 39.23 6.89
N THR E 118 -4.96 39.88 5.89
CA THR E 118 -3.53 39.84 5.70
C THR E 118 -2.84 40.49 6.91
N LYS E 119 -1.83 39.80 7.42
CA LYS E 119 -1.25 40.10 8.72
C LYS E 119 0.20 39.61 8.74
N GLY E 120 1.12 40.47 9.17
CA GLY E 120 2.54 40.11 9.29
C GLY E 120 2.82 39.20 10.48
N PRO E 121 3.94 38.46 10.44
CA PRO E 121 4.21 37.48 11.48
C PRO E 121 4.83 38.08 12.73
N SER E 122 4.67 37.37 13.84
CA SER E 122 5.50 37.56 15.02
C SER E 122 6.65 36.56 14.87
N VAL E 123 7.87 36.99 15.15
CA VAL E 123 9.06 36.13 15.06
C VAL E 123 9.67 36.02 16.45
N PHE E 124 9.75 34.78 16.96
CA PHE E 124 10.32 34.49 18.27
C PHE E 124 11.58 33.63 18.11
N PRO E 125 12.62 33.86 18.94
CA PRO E 125 13.85 33.07 18.82
C PRO E 125 13.71 31.65 19.37
N LEU E 126 14.69 30.79 19.07
CA LEU E 126 14.75 29.42 19.59
C LEU E 126 16.14 29.14 20.14
N ALA E 127 16.26 29.07 21.48
CA ALA E 127 17.52 28.78 22.17
C ALA E 127 17.54 27.33 22.69
N SER E 136 28.89 18.77 20.41
CA SER E 136 29.71 18.93 19.21
C SER E 136 29.13 19.98 18.25
N THR E 137 27.86 19.80 17.88
CA THR E 137 27.15 20.69 16.94
C THR E 137 25.80 21.11 17.55
N ALA E 138 25.56 22.42 17.64
CA ALA E 138 24.34 22.98 18.23
C ALA E 138 23.34 23.44 17.15
N ALA E 139 22.10 23.67 17.57
CA ALA E 139 21.03 24.13 16.69
C ALA E 139 20.36 25.37 17.28
N LEU E 140 19.96 26.31 16.41
CA LEU E 140 19.14 27.46 16.80
C LEU E 140 18.21 27.88 15.66
N GLY E 141 17.21 28.71 15.97
CA GLY E 141 16.16 29.07 15.00
C GLY E 141 15.26 30.23 15.38
N CYS E 142 14.27 30.49 14.52
CA CYS E 142 13.16 31.40 14.84
C CYS E 142 11.82 30.72 14.51
N LEU E 143 10.85 30.95 15.39
CA LEU E 143 9.48 30.49 15.22
C LEU E 143 8.69 31.65 14.61
N VAL E 144 8.23 31.47 13.37
CA VAL E 144 7.43 32.49 12.65
C VAL E 144 5.95 32.17 12.81
N LYS E 145 5.24 33.05 13.53
CA LYS E 145 3.90 32.76 14.07
C LYS E 145 2.85 33.75 13.57
N ASP E 146 1.61 33.24 13.46
CA ASP E 146 0.39 34.06 13.32
C ASP E 146 0.40 35.08 12.17
N TYR E 147 0.71 34.57 10.98
CA TYR E 147 0.66 35.35 9.74
C TYR E 147 -0.35 34.77 8.76
N PHE E 148 -0.75 35.60 7.80
CA PHE E 148 -1.62 35.19 6.70
C PHE E 148 -1.48 36.22 5.59
N PRO E 149 -1.44 35.82 4.32
CA PRO E 149 -1.39 34.42 3.86
C PRO E 149 0.05 33.98 3.70
N GLU E 150 0.24 32.79 3.13
CA GLU E 150 1.54 32.37 2.62
C GLU E 150 1.96 33.31 1.48
N PRO E 151 3.26 33.43 1.17
CA PRO E 151 4.36 32.73 1.83
C PRO E 151 5.18 33.64 2.72
N VAL E 152 6.00 33.01 3.56
CA VAL E 152 7.07 33.65 4.30
C VAL E 152 8.38 33.07 3.75
N THR E 153 9.39 33.92 3.63
CA THR E 153 10.74 33.47 3.29
C THR E 153 11.68 33.87 4.42
N VAL E 154 12.57 32.96 4.79
CA VAL E 154 13.52 33.18 5.88
C VAL E 154 14.94 32.93 5.38
N SER E 155 15.77 33.97 5.42
CA SER E 155 17.21 33.83 5.22
C SER E 155 17.92 34.05 6.56
N TRP E 156 19.20 33.66 6.61
CA TRP E 156 20.03 33.76 7.83
C TRP E 156 21.28 34.61 7.60
N ASN E 157 21.51 35.59 8.47
CA ASN E 157 22.60 36.55 8.35
C ASN E 157 22.64 37.22 6.97
N SER E 158 21.47 37.69 6.53
CA SER E 158 21.30 38.35 5.21
C SER E 158 21.77 37.49 4.04
N GLY E 159 21.52 36.18 4.10
CA GLY E 159 21.90 35.25 3.03
C GLY E 159 23.29 34.66 3.14
N ALA E 160 24.10 35.13 4.09
CA ALA E 160 25.49 34.66 4.26
C ALA E 160 25.60 33.24 4.83
N LEU E 161 24.60 32.82 5.61
CA LEU E 161 24.51 31.46 6.14
C LEU E 161 23.38 30.68 5.45
N THR E 162 23.72 29.92 4.41
CA THR E 162 22.80 28.97 3.77
C THR E 162 23.13 27.51 4.12
N SER E 163 24.32 27.25 4.65
CA SER E 163 24.80 25.90 4.93
C SER E 163 24.08 25.29 6.15
N GLY E 164 23.42 24.16 5.93
CA GLY E 164 22.70 23.45 6.99
C GLY E 164 21.43 24.10 7.49
N VAL E 165 20.81 24.93 6.65
CA VAL E 165 19.57 25.65 6.99
C VAL E 165 18.35 24.84 6.55
N HIS E 166 17.36 24.72 7.45
CA HIS E 166 16.09 24.05 7.15
C HIS E 166 14.93 24.96 7.53
N THR E 167 14.14 25.35 6.53
CA THR E 167 12.88 26.06 6.75
C THR E 167 11.73 25.09 6.45
N PHE E 168 10.80 24.98 7.41
CA PHE E 168 9.77 23.94 7.36
C PHE E 168 8.52 24.42 6.62
N PRO E 169 7.79 23.48 5.97
CA PRO E 169 6.46 23.79 5.47
C PRO E 169 5.57 24.37 6.56
N ALA E 170 4.83 25.41 6.23
CA ALA E 170 3.99 26.09 7.21
C ALA E 170 2.77 25.25 7.55
N VAL E 171 2.35 25.32 8.81
CA VAL E 171 1.18 24.61 9.30
C VAL E 171 0.06 25.62 9.53
N LEU E 172 -1.13 25.33 9.00
CA LEU E 172 -2.30 26.17 9.22
C LEU E 172 -2.86 25.82 10.58
N GLN E 173 -2.84 26.78 11.51
CA GLN E 173 -3.35 26.56 12.86
C GLN E 173 -4.87 26.75 12.90
N SER E 174 -5.48 26.32 14.01
CA SER E 174 -6.93 26.40 14.20
C SER E 174 -7.46 27.85 14.30
N SER E 175 -6.58 28.81 14.59
CA SER E 175 -6.89 30.23 14.50
C SER E 175 -7.19 30.74 13.08
N GLY E 176 -6.72 30.01 12.07
CA GLY E 176 -6.82 30.43 10.67
C GLY E 176 -5.55 31.11 10.17
N LEU E 177 -4.56 31.26 11.06
CA LEU E 177 -3.28 31.90 10.74
C LEU E 177 -2.17 30.86 10.66
N TYR E 178 -1.26 31.03 9.72
CA TYR E 178 -0.16 30.09 9.51
C TYR E 178 0.94 30.27 10.55
N SER E 179 1.82 29.26 10.61
CA SER E 179 2.94 29.26 11.54
C SER E 179 4.00 28.27 11.07
N LEU E 180 5.26 28.70 11.05
CA LEU E 180 6.39 27.81 10.70
C LEU E 180 7.60 28.09 11.56
N SER E 181 8.63 27.27 11.39
CA SER E 181 9.93 27.48 12.02
C SER E 181 11.05 27.35 11.00
N SER E 182 12.12 28.10 11.22
CA SER E 182 13.35 27.96 10.44
C SER E 182 14.48 27.70 11.40
N VAL E 183 15.30 26.68 11.09
CA VAL E 183 16.41 26.26 11.96
C VAL E 183 17.69 26.13 11.15
N VAL E 184 18.82 26.34 11.84
CA VAL E 184 20.15 26.12 11.26
C VAL E 184 21.01 25.45 12.32
N THR E 185 21.85 24.51 11.89
CA THR E 185 22.85 23.90 12.76
C THR E 185 24.19 24.59 12.53
N VAL E 186 24.94 24.78 13.61
CA VAL E 186 26.25 25.44 13.61
C VAL E 186 27.20 24.74 14.58
N PRO E 187 28.53 24.98 14.45
CA PRO E 187 29.48 24.40 15.42
C PRO E 187 29.29 24.94 16.85
N SER E 188 29.32 24.04 17.83
CA SER E 188 29.05 24.36 19.26
C SER E 188 29.85 25.55 19.79
N SER E 189 31.15 25.58 19.48
CA SER E 189 32.03 26.69 19.89
C SER E 189 32.08 27.79 18.81
N SER E 190 30.92 28.34 18.50
CA SER E 190 30.81 29.63 17.79
C SER E 190 29.59 30.42 18.31
N LEU E 191 29.21 30.18 19.57
CA LEU E 191 27.94 30.67 20.12
C LEU E 191 28.05 32.13 20.57
N GLY E 192 28.79 32.38 21.64
CA GLY E 192 28.98 33.74 22.16
C GLY E 192 29.74 34.67 21.22
N THR E 193 30.67 34.10 20.46
CA THR E 193 31.55 34.86 19.57
C THR E 193 30.86 35.51 18.34
N LYS E 194 29.99 34.75 17.67
CA LYS E 194 29.42 35.16 16.37
C LYS E 194 27.91 35.40 16.45
N THR E 195 27.42 36.35 15.65
CA THR E 195 26.00 36.74 15.63
C THR E 195 25.20 35.89 14.65
N TYR E 196 24.11 35.31 15.15
CA TYR E 196 23.15 34.56 14.33
C TYR E 196 21.80 35.27 14.32
N THR E 197 21.48 35.89 13.18
CA THR E 197 20.26 36.66 12.97
C THR E 197 19.47 36.07 11.80
N CYS E 198 18.14 35.99 11.94
CA CYS E 198 17.27 35.56 10.83
C CYS E 198 16.44 36.71 10.28
N ASN E 199 16.33 36.75 8.95
CA ASN E 199 15.57 37.77 8.23
C ASN E 199 14.30 37.14 7.73
N VAL E 200 13.17 37.55 8.31
CA VAL E 200 11.87 36.98 7.98
C VAL E 200 11.07 37.98 7.16
N ASP E 201 10.93 37.71 5.87
CA ASP E 201 10.15 38.55 4.96
C ASP E 201 8.77 37.95 4.71
N HIS E 202 7.74 38.77 4.89
CA HIS E 202 6.38 38.42 4.54
C HIS E 202 5.88 39.49 3.55
N LYS E 203 6.08 39.22 2.27
CA LYS E 203 5.78 40.18 1.20
C LYS E 203 4.29 40.50 0.98
N PRO E 204 3.36 39.60 1.39
CA PRO E 204 1.93 39.96 1.35
C PRO E 204 1.50 41.13 2.25
N SER E 205 2.08 41.24 3.44
CA SER E 205 1.76 42.34 4.37
C SER E 205 2.74 43.52 4.34
N ASN E 206 3.80 43.41 3.54
CA ASN E 206 4.94 44.36 3.52
C ASN E 206 5.62 44.49 4.89
N THR E 207 5.92 43.33 5.47
CA THR E 207 6.53 43.19 6.79
C THR E 207 7.85 42.46 6.65
N LYS E 208 8.91 43.04 7.20
CA LYS E 208 10.23 42.38 7.30
C LYS E 208 10.64 42.43 8.78
N VAL E 209 11.20 41.32 9.28
CA VAL E 209 11.60 41.23 10.68
C VAL E 209 12.99 40.60 10.77
N ASP E 210 13.91 41.31 11.43
CA ASP E 210 15.22 40.76 11.82
C ASP E 210 15.14 40.36 13.28
N LYS E 211 15.72 39.20 13.61
CA LYS E 211 15.67 38.66 14.97
C LYS E 211 17.01 38.01 15.33
N ARG E 212 17.74 38.63 16.25
CA ARG E 212 18.99 38.07 16.76
C ARG E 212 18.70 36.90 17.70
N VAL E 213 19.54 35.87 17.65
CA VAL E 213 19.35 34.65 18.44
C VAL E 213 20.64 34.31 19.20
N GLU E 214 20.49 33.89 20.46
CA GLU E 214 21.62 33.50 21.31
C GLU E 214 21.17 32.79 22.58
N CYS F 7 -20.98 -6.22 -31.21
CA CYS F 7 -20.33 -4.90 -31.50
C CYS F 7 -20.73 -3.87 -30.45
N PRO F 8 -20.14 -3.96 -29.23
CA PRO F 8 -20.52 -3.03 -28.14
C PRO F 8 -20.13 -1.57 -28.38
N ILE F 9 -18.99 -1.33 -29.03
CA ILE F 9 -18.45 0.02 -29.23
C ILE F 9 -19.34 0.88 -30.15
N PHE F 10 -20.04 0.26 -31.10
CA PHE F 10 -21.00 0.98 -31.96
C PHE F 10 -22.19 1.49 -31.14
N TYR F 11 -22.85 0.58 -30.42
CA TYR F 11 -24.03 0.93 -29.63
C TYR F 11 -23.74 1.93 -28.50
N ASP F 12 -22.50 1.98 -28.02
CA ASP F 12 -22.09 3.00 -27.07
C ASP F 12 -21.97 4.39 -27.71
N VAL F 13 -21.47 4.45 -28.94
CA VAL F 13 -21.39 5.72 -29.68
C VAL F 13 -22.77 6.22 -30.12
N PHE F 14 -23.60 5.32 -30.64
CA PHE F 14 -24.98 5.64 -31.02
C PHE F 14 -25.80 6.13 -29.81
N PHE F 15 -25.71 5.41 -28.69
CA PHE F 15 -26.33 5.81 -27.42
C PHE F 15 -25.81 7.19 -26.96
N ALA F 16 -24.52 7.46 -27.16
CA ALA F 16 -23.94 8.77 -26.82
C ALA F 16 -24.42 9.88 -27.75
N VAL F 17 -24.65 9.57 -29.03
CA VAL F 17 -25.26 10.51 -29.96
C VAL F 17 -26.74 10.76 -29.62
N ALA F 18 -27.52 9.68 -29.55
CA ALA F 18 -28.98 9.78 -29.36
C ALA F 18 -29.41 10.43 -28.05
N ASN F 19 -28.69 10.15 -26.96
CA ASN F 19 -29.08 10.65 -25.63
C ASN F 19 -28.96 12.17 -25.48
N GLY F 20 -28.25 12.83 -26.40
CA GLY F 20 -28.30 14.30 -26.50
C GLY F 20 -27.43 15.09 -25.54
N ASN F 21 -26.58 14.41 -24.78
CA ASN F 21 -25.64 15.06 -23.87
C ASN F 21 -24.29 15.20 -24.56
N GLU F 22 -23.92 16.44 -24.90
CA GLU F 22 -22.68 16.73 -25.63
C GLU F 22 -21.41 16.29 -24.90
N LEU F 23 -21.41 16.41 -23.57
CA LEU F 23 -20.25 16.04 -22.76
C LEU F 23 -19.98 14.54 -22.81
N LEU F 24 -21.05 13.75 -22.72
CA LEU F 24 -20.93 12.29 -22.80
C LEU F 24 -20.60 11.81 -24.20
N LEU F 25 -20.97 12.59 -25.22
CA LEU F 25 -20.56 12.32 -26.60
C LEU F 25 -19.08 12.64 -26.81
N ASP F 26 -18.61 13.77 -26.26
CA ASP F 26 -17.16 14.10 -26.31
C ASP F 26 -16.31 12.98 -25.72
N LEU F 27 -16.82 12.34 -24.67
CA LEU F 27 -16.15 11.21 -24.02
C LEU F 27 -16.07 10.00 -24.97
N SER F 28 -17.19 9.65 -25.60
CA SER F 28 -17.24 8.57 -26.60
C SER F 28 -16.29 8.80 -27.76
N LEU F 29 -16.27 10.03 -28.26
CA LEU F 29 -15.43 10.39 -29.40
C LEU F 29 -13.95 10.32 -29.08
N THR F 30 -13.58 10.65 -27.84
CA THR F 30 -12.21 10.44 -27.36
C THR F 30 -11.89 8.94 -27.31
N LYS F 31 -12.79 8.15 -26.72
CA LYS F 31 -12.61 6.68 -26.64
C LYS F 31 -12.34 5.99 -27.98
N VAL F 32 -12.99 6.47 -29.04
CA VAL F 32 -12.81 5.93 -30.41
C VAL F 32 -11.88 6.80 -31.30
N ALA F 33 -11.02 7.61 -30.68
CA ALA F 33 -9.97 8.39 -31.37
C ALA F 33 -10.45 9.10 -32.64
N ALA F 34 -11.58 9.80 -32.52
CA ALA F 34 -12.19 10.48 -33.65
C ALA F 34 -11.45 11.80 -33.94
N THR F 35 -11.27 12.08 -35.23
CA THR F 35 -10.64 13.32 -35.68
C THR F 35 -11.62 14.48 -35.53
N GLU F 36 -11.09 15.71 -35.56
CA GLU F 36 -11.92 16.91 -35.33
C GLU F 36 -13.08 17.06 -36.32
N PRO F 37 -12.86 16.74 -37.62
CA PRO F 37 -13.98 16.71 -38.59
C PRO F 37 -15.01 15.59 -38.30
N GLU F 38 -14.54 14.43 -37.87
CA GLU F 38 -15.44 13.33 -37.45
C GLU F 38 -16.25 13.72 -36.21
N ARG F 39 -15.62 14.40 -35.24
CA ARG F 39 -16.33 14.94 -34.06
C ARG F 39 -17.42 15.91 -34.48
N THR F 40 -17.07 16.88 -35.33
CA THR F 40 -18.03 17.86 -35.82
C THR F 40 -19.26 17.20 -36.44
N ALA F 41 -19.05 16.17 -37.27
CA ALA F 41 -20.14 15.50 -37.99
C ALA F 41 -21.08 14.73 -37.06
N MET F 42 -20.55 14.08 -36.04
CA MET F 42 -21.39 13.36 -35.06
C MET F 42 -22.19 14.32 -34.17
N LYS F 43 -21.61 15.48 -33.84
CA LYS F 43 -22.32 16.50 -33.04
C LYS F 43 -23.49 17.12 -33.78
N LYS F 44 -23.37 17.25 -35.10
CA LYS F 44 -24.48 17.67 -35.94
C LYS F 44 -25.61 16.62 -35.99
N ILE F 45 -25.27 15.34 -35.94
CA ILE F 45 -26.28 14.29 -35.82
C ILE F 45 -26.96 14.40 -34.45
N GLN F 46 -26.16 14.59 -33.40
CA GLN F 46 -26.70 14.74 -32.04
C GLN F 46 -27.65 15.92 -31.93
N ASP F 47 -27.31 17.05 -32.56
CA ASP F 47 -28.19 18.22 -32.59
C ASP F 47 -29.62 17.90 -33.08
N CYS F 48 -29.74 16.99 -34.03
CA CYS F 48 -31.05 16.57 -34.53
C CYS F 48 -31.89 15.85 -33.49
N TYR F 49 -31.25 14.99 -32.68
CA TYR F 49 -31.94 14.35 -31.56
C TYR F 49 -32.31 15.36 -30.48
N VAL F 50 -31.43 16.33 -30.22
CA VAL F 50 -31.66 17.34 -29.19
C VAL F 50 -32.77 18.31 -29.60
N GLU F 51 -32.72 18.77 -30.84
CA GLU F 51 -33.76 19.68 -31.37
C GLU F 51 -35.12 19.03 -31.49
N ASN F 52 -35.16 17.75 -31.81
CA ASN F 52 -36.42 17.02 -31.96
C ASN F 52 -36.87 16.28 -30.69
N GLY F 53 -36.20 16.52 -29.58
CA GLY F 53 -36.70 16.14 -28.25
C GLY F 53 -36.53 14.70 -27.86
N LEU F 54 -36.99 14.40 -26.64
CA LEU F 54 -36.81 13.09 -26.01
C LEU F 54 -37.41 11.96 -26.83
N ILE F 55 -38.64 12.14 -27.32
CA ILE F 55 -39.30 11.09 -28.12
C ILE F 55 -38.58 10.70 -29.41
N SER F 56 -37.72 11.57 -29.93
CA SER F 56 -36.84 11.19 -31.05
C SER F 56 -35.85 10.12 -30.64
N ARG F 57 -35.31 10.23 -29.43
CA ARG F 57 -34.46 9.19 -28.89
C ARG F 57 -35.25 7.90 -28.68
N VAL F 58 -36.43 8.03 -28.08
CA VAL F 58 -37.22 6.88 -27.66
C VAL F 58 -37.74 6.10 -28.86
N LEU F 59 -38.26 6.80 -29.86
CA LEU F 59 -38.81 6.17 -31.07
C LEU F 59 -37.73 5.69 -32.05
N ASP F 60 -36.57 6.35 -32.08
CA ASP F 60 -35.43 5.85 -32.84
C ASP F 60 -34.75 4.68 -32.11
N GLY F 61 -34.81 4.67 -30.78
CA GLY F 61 -34.37 3.52 -29.99
C GLY F 61 -35.23 2.30 -30.25
N LEU F 62 -36.53 2.51 -30.39
CA LEU F 62 -37.48 1.45 -30.79
C LEU F 62 -37.11 0.88 -32.16
N VAL F 63 -36.74 1.77 -33.10
CA VAL F 63 -36.35 1.38 -34.45
C VAL F 63 -35.05 0.54 -34.43
N MET F 64 -34.01 1.07 -33.79
CA MET F 64 -32.73 0.36 -33.71
C MET F 64 -32.83 -0.97 -32.97
N THR F 65 -33.73 -1.05 -31.99
CA THR F 65 -33.98 -2.27 -31.23
C THR F 65 -34.64 -3.36 -32.09
N THR F 66 -35.71 -3.00 -32.81
CA THR F 66 -36.46 -4.00 -33.61
C THR F 66 -35.69 -4.49 -34.85
N ILE F 67 -34.76 -3.69 -35.36
CA ILE F 67 -33.83 -4.14 -36.40
C ILE F 67 -32.83 -5.14 -35.81
N SER F 68 -32.20 -4.78 -34.70
CA SER F 68 -31.17 -5.60 -34.06
C SER F 68 -31.63 -6.96 -33.52
N SER F 69 -32.93 -7.10 -33.24
CA SER F 69 -33.52 -8.39 -32.83
C SER F 69 -34.34 -9.08 -33.93
N SER F 70 -34.18 -8.64 -35.19
CA SER F 70 -34.93 -9.21 -36.32
C SER F 70 -34.32 -10.54 -36.78
N LYS F 71 -35.03 -11.20 -37.71
CA LYS F 71 -34.54 -12.46 -38.34
C LYS F 71 -33.19 -12.23 -39.01
N ASP F 72 -33.08 -11.06 -39.67
CA ASP F 72 -31.89 -10.64 -40.41
C ASP F 72 -30.63 -10.61 -39.53
N CYS F 73 -30.79 -10.23 -38.26
CA CYS F 73 -29.73 -10.34 -37.25
C CYS F 73 -29.93 -11.62 -36.44
N ILE F 94 -21.47 -7.39 -35.88
CA ILE F 94 -22.21 -6.21 -36.30
C ILE F 94 -23.17 -6.53 -37.45
N CYS F 95 -24.47 -6.36 -37.21
CA CYS F 95 -25.51 -6.76 -38.16
C CYS F 95 -25.47 -5.92 -39.45
N PRO F 96 -25.45 -6.56 -40.64
CA PRO F 96 -25.57 -5.81 -41.90
C PRO F 96 -26.88 -5.05 -42.09
N ALA F 97 -27.95 -5.48 -41.44
CA ALA F 97 -29.22 -4.72 -41.43
C ALA F 97 -29.08 -3.40 -40.68
N VAL F 98 -28.33 -3.41 -39.58
CA VAL F 98 -28.06 -2.21 -38.79
C VAL F 98 -27.11 -1.27 -39.53
N LYS F 99 -26.07 -1.84 -40.14
CA LYS F 99 -25.14 -1.09 -40.99
C LYS F 99 -25.87 -0.37 -42.13
N ARG F 100 -26.81 -1.10 -42.75
CA ARG F 100 -27.63 -0.60 -43.85
C ARG F 100 -28.58 0.52 -43.44
N ASP F 101 -29.20 0.38 -42.27
CA ASP F 101 -30.07 1.41 -41.68
C ASP F 101 -29.34 2.74 -41.53
N VAL F 102 -28.11 2.68 -41.03
CA VAL F 102 -27.33 3.88 -40.75
C VAL F 102 -26.89 4.56 -42.04
N ASP F 103 -26.43 3.79 -43.02
CA ASP F 103 -26.07 4.36 -44.32
C ASP F 103 -27.24 5.06 -45.01
N LEU F 104 -28.43 4.46 -44.95
CA LEU F 104 -29.64 5.08 -45.51
C LEU F 104 -29.98 6.38 -44.79
N PHE F 105 -29.98 6.36 -43.45
CA PHE F 105 -30.19 7.55 -42.64
C PHE F 105 -29.29 8.71 -43.05
N LEU F 106 -28.04 8.41 -43.39
CA LEU F 106 -27.07 9.42 -43.81
C LEU F 106 -27.16 9.75 -45.31
N THR F 107 -26.92 8.76 -46.16
CA THR F 107 -26.74 8.99 -47.61
C THR F 107 -27.96 8.76 -48.50
N GLY F 108 -28.93 7.98 -48.04
CA GLY F 108 -30.17 7.72 -48.81
C GLY F 108 -31.12 8.91 -48.83
N THR F 109 -32.16 8.83 -49.65
CA THR F 109 -33.19 9.88 -49.69
C THR F 109 -34.18 9.66 -48.54
N PRO F 110 -34.95 10.70 -48.16
CA PRO F 110 -35.96 10.56 -47.11
C PRO F 110 -36.96 9.43 -47.32
N ASP F 111 -37.44 9.28 -48.56
CA ASP F 111 -38.36 8.18 -48.91
C ASP F 111 -37.67 6.81 -48.82
N GLU F 112 -36.39 6.73 -49.19
CA GLU F 112 -35.63 5.46 -49.09
C GLU F 112 -35.46 5.01 -47.64
N TYR F 113 -35.06 5.93 -46.77
CA TYR F 113 -34.88 5.64 -45.33
C TYR F 113 -36.20 5.21 -44.68
N VAL F 114 -37.26 5.99 -44.90
CA VAL F 114 -38.55 5.76 -44.23
C VAL F 114 -39.23 4.46 -44.71
N GLU F 115 -39.11 4.15 -46.00
CA GLU F 115 -39.62 2.88 -46.55
C GLU F 115 -38.85 1.67 -45.99
N GLN F 116 -37.54 1.85 -45.77
CA GLN F 116 -36.71 0.81 -45.14
C GLN F 116 -37.08 0.60 -43.65
N VAL F 117 -37.32 1.69 -42.93
CA VAL F 117 -37.78 1.61 -41.53
C VAL F 117 -39.16 0.95 -41.45
N ALA F 118 -40.00 1.18 -42.45
CA ALA F 118 -41.36 0.62 -42.48
C ALA F 118 -41.40 -0.90 -42.57
N GLN F 119 -40.42 -1.50 -43.21
CA GLN F 119 -40.33 -2.97 -43.30
C GLN F 119 -39.99 -3.62 -41.94
N TYR F 120 -39.35 -2.88 -41.03
CA TYR F 120 -39.06 -3.35 -39.67
C TYR F 120 -40.12 -2.96 -38.65
N LYS F 121 -40.64 -1.74 -38.76
CA LYS F 121 -41.72 -1.26 -37.87
C LYS F 121 -42.49 -0.12 -38.54
N ALA F 122 -43.81 -0.28 -38.64
CA ALA F 122 -44.65 0.60 -39.44
C ALA F 122 -45.72 1.38 -38.63
N LEU F 123 -45.43 1.69 -37.37
CA LEU F 123 -46.33 2.55 -36.57
C LEU F 123 -46.26 3.98 -37.10
N PRO F 124 -47.42 4.61 -37.39
CA PRO F 124 -47.43 6.00 -37.91
C PRO F 124 -46.51 6.98 -37.18
N VAL F 125 -46.49 6.93 -35.85
CA VAL F 125 -45.62 7.80 -35.04
C VAL F 125 -44.12 7.54 -35.26
N VAL F 126 -43.76 6.30 -35.54
CA VAL F 126 -42.36 5.92 -35.79
C VAL F 126 -41.90 6.42 -37.16
N LEU F 127 -42.76 6.26 -38.17
CA LEU F 127 -42.47 6.75 -39.52
C LEU F 127 -42.51 8.28 -39.57
N GLU F 128 -43.36 8.90 -38.75
CA GLU F 128 -43.38 10.35 -38.58
C GLU F 128 -42.05 10.84 -38.00
N ASN F 129 -41.59 10.16 -36.94
CA ASN F 129 -40.32 10.49 -36.31
C ASN F 129 -39.14 10.22 -37.22
N ALA F 130 -39.20 9.11 -37.95
CA ALA F 130 -38.18 8.76 -38.94
C ALA F 130 -37.94 9.90 -39.94
N ARG F 131 -39.03 10.45 -40.49
CA ARG F 131 -38.92 11.49 -41.51
C ARG F 131 -38.45 12.83 -40.92
N ILE F 132 -38.88 13.15 -39.70
CA ILE F 132 -38.47 14.39 -39.03
C ILE F 132 -36.96 14.41 -38.78
N LEU F 133 -36.40 13.30 -38.30
CA LEU F 133 -34.95 13.20 -38.09
C LEU F 133 -34.18 13.26 -39.40
N LYS F 134 -34.60 12.43 -40.35
CA LYS F 134 -33.95 12.34 -41.66
C LYS F 134 -33.92 13.68 -42.41
N ASN F 135 -35.00 14.46 -42.32
CA ASN F 135 -35.03 15.83 -42.86
C ASN F 135 -34.09 16.77 -42.13
N CYS F 136 -34.02 16.63 -40.81
CA CYS F 136 -33.12 17.46 -40.01
C CYS F 136 -31.67 17.26 -40.42
N VAL F 137 -31.21 16.01 -40.44
CA VAL F 137 -29.79 15.73 -40.77
C VAL F 137 -29.45 16.12 -42.20
N ASP F 138 -30.38 15.92 -43.12
CA ASP F 138 -30.17 16.33 -44.51
C ASP F 138 -30.05 17.86 -44.65
N ALA F 139 -30.86 18.59 -43.89
CA ALA F 139 -30.78 20.05 -43.86
C ALA F 139 -29.54 20.57 -43.11
N LYS F 140 -29.12 19.84 -42.09
CA LYS F 140 -28.07 20.28 -41.16
C LYS F 140 -26.64 19.87 -41.55
N MET F 141 -26.49 18.71 -42.21
CA MET F 141 -25.16 18.19 -42.57
C MET F 141 -24.84 18.41 -44.04
N THR F 142 -23.60 18.82 -44.30
CA THR F 142 -23.07 18.91 -45.66
C THR F 142 -22.66 17.52 -46.12
N GLU F 143 -22.22 17.40 -47.38
CA GLU F 143 -21.67 16.13 -47.87
C GLU F 143 -20.37 15.76 -47.17
N GLU F 144 -19.57 16.77 -46.81
CA GLU F 144 -18.35 16.53 -46.05
C GLU F 144 -18.63 15.90 -44.69
N ASP F 145 -19.65 16.41 -44.00
CA ASP F 145 -20.07 15.86 -42.71
C ASP F 145 -20.59 14.42 -42.85
N LYS F 146 -21.38 14.18 -43.89
CA LYS F 146 -21.91 12.84 -44.17
C LYS F 146 -20.77 11.82 -44.42
N GLU F 147 -19.80 12.22 -45.24
CA GLU F 147 -18.60 11.40 -45.50
C GLU F 147 -17.81 11.11 -44.22
N ASN F 148 -17.63 12.13 -43.38
CA ASN F 148 -16.89 11.97 -42.11
C ASN F 148 -17.57 11.06 -41.09
N ALA F 149 -18.89 11.14 -40.99
CA ALA F 149 -19.66 10.24 -40.12
C ALA F 149 -19.50 8.78 -40.54
N LEU F 150 -19.43 8.54 -41.85
CA LEU F 150 -19.21 7.19 -42.39
C LEU F 150 -17.77 6.70 -42.21
N SER F 151 -16.79 7.59 -42.33
CA SER F 151 -15.38 7.23 -42.11
C SER F 151 -15.11 6.88 -40.63
N LEU F 152 -15.77 7.60 -39.72
CA LEU F 152 -15.74 7.29 -38.28
C LEU F 152 -16.46 5.97 -37.98
N LEU F 153 -17.58 5.74 -38.67
CA LEU F 153 -18.29 4.45 -38.57
C LEU F 153 -17.48 3.29 -39.13
N ASP F 154 -16.72 3.54 -40.20
CA ASP F 154 -15.87 2.51 -40.81
C ASP F 154 -14.77 2.04 -39.85
N LYS F 155 -14.18 2.98 -39.09
CA LYS F 155 -13.23 2.66 -38.04
C LYS F 155 -13.86 1.75 -36.99
N ILE F 156 -15.03 2.15 -36.50
CA ILE F 156 -15.79 1.40 -35.50
C ILE F 156 -16.15 -0.01 -35.98
N TYR F 157 -16.61 -0.15 -37.21
CA TYR F 157 -17.00 -1.47 -37.76
C TYR F 157 -15.82 -2.42 -37.92
N THR F 158 -14.64 -1.89 -38.29
CA THR F 158 -13.44 -2.71 -38.48
C THR F 158 -12.54 -2.83 -37.24
N SER F 159 -12.96 -2.27 -36.11
CA SER F 159 -12.24 -2.40 -34.85
C SER F 159 -12.32 -3.84 -34.33
N PRO F 160 -11.28 -4.33 -33.62
CA PRO F 160 -11.37 -5.67 -33.02
C PRO F 160 -12.37 -5.78 -31.86
N LEU F 161 -12.60 -4.67 -31.15
CA LEU F 161 -13.68 -4.59 -30.15
C LEU F 161 -15.05 -4.92 -30.77
N CYS F 162 -15.26 -4.46 -32.01
CA CYS F 162 -16.39 -4.90 -32.85
C CYS F 162 -16.05 -6.21 -33.56
#